data_6HB4
#
_entry.id   6HB4
#
_cell.length_a   157.669
_cell.length_b   140.622
_cell.length_c   108.919
_cell.angle_alpha   90.00
_cell.angle_beta   130.73
_cell.angle_gamma   90.00
#
_symmetry.space_group_name_H-M   'C 1 2 1'
#
loop_
_entity.id
_entity.type
_entity.pdbx_description
1 polymer 'Transcription factor A, mitochondrial'
2 polymer "DNA (5'*CP*TP*GP*TP*GP*CP*AP*GP*AP*CP*AP*TP*TP*CP*AP*AP*TP*TP*GP*TP*TP*A)-3')"
3 polymer "DNA (5'-D(*TP*AP*AP*CP*AP*AP*TP*TP*GP*AP*AP*TP*GP*TP*CP*TP*GP*CP*AP*CP*AP*G)-3')"
4 non-polymer GLYCEROL
5 non-polymer 'PENTAETHYLENE GLYCOL'
#
loop_
_entity_poly.entity_id
_entity_poly.type
_entity_poly.pdbx_seq_one_letter_code
_entity_poly.pdbx_strand_id
1 'polypeptide(L)'
;MSSVLASCPKKPVSSYLRFSKEQLPIFKAQNPDAKTTELIRRIAQRWRELPDSKKKIYQDAYRAEWQVYKEEISRFKEQL
TPSQIMSLEKEIMDKHLKRKAMTKKKELTLLGKPKRPRSAYNVYVAERFQEAKGDSPQEKLKTVKENWKNLSDSEKELYI
QHAKEDETRYHNEMKSWEEQMIEVGRKDLLRRTIKKQRKYGAEECLQHHHHHH
;
A,D,G,J
2 'polydeoxyribonucleotide'
;(DC)(DT)(DG)(DT)(DG)(DC)(DA)(DG)(DA)(DC)(DA)(DT)(DT)(DC)(DA)(DA)(DT)(DT)(DG)(DT)
(DT)(DA)
;
B,E,H,K
3 'polydeoxyribonucleotide'
;(DT)(DA)(DA)(DC)(DA)(DA)(DT)(DT)(DG)(DA)(DA)(DT)(DG)(DT)(DC)(DT)(DG)(DC)(DA)(DC)
(DA)(DG)
;
C,F,I,L
#
loop_
_chem_comp.id
_chem_comp.type
_chem_comp.name
_chem_comp.formula
1PE non-polymer 'PENTAETHYLENE GLYCOL' 'C10 H22 O6'
DA DNA linking 2'-DEOXYADENOSINE-5'-MONOPHOSPHATE 'C10 H14 N5 O6 P'
DC DNA linking 2'-DEOXYCYTIDINE-5'-MONOPHOSPHATE 'C9 H14 N3 O7 P'
DG DNA linking 2'-DEOXYGUANOSINE-5'-MONOPHOSPHATE 'C10 H14 N5 O7 P'
DT DNA linking THYMIDINE-5'-MONOPHOSPHATE 'C10 H15 N2 O8 P'
GOL non-polymer GLYCEROL 'C3 H8 O3'
#
# COMPACT_ATOMS: atom_id res chain seq x y z
N SER A 3 19.75 29.95 30.71
CA SER A 3 20.13 31.27 31.22
C SER A 3 19.16 32.34 30.65
N VAL A 4 19.17 32.58 29.30
CA VAL A 4 18.23 33.49 28.64
C VAL A 4 16.93 32.70 28.69
N LEU A 5 16.96 31.49 28.14
CA LEU A 5 15.84 30.58 28.14
C LEU A 5 15.27 30.36 29.55
N ALA A 6 16.15 30.35 30.57
CA ALA A 6 15.77 30.18 31.96
C ALA A 6 14.73 31.22 32.38
N SER A 7 15.00 32.50 32.06
CA SER A 7 14.11 33.65 32.36
C SER A 7 12.96 33.82 31.37
N CYS A 8 12.96 33.08 30.30
CA CYS A 8 11.95 33.21 29.29
C CYS A 8 10.52 32.87 29.70
N PRO A 9 9.50 33.73 29.41
CA PRO A 9 8.09 33.39 29.74
C PRO A 9 7.66 32.04 29.18
N LYS A 10 6.95 31.27 30.01
CA LYS A 10 6.49 29.93 29.65
C LYS A 10 5.11 29.94 29.02
N LYS A 11 4.91 29.01 28.07
CA LYS A 11 3.63 28.90 27.36
C LYS A 11 2.60 28.33 28.33
N PRO A 12 1.32 28.69 28.22
CA PRO A 12 0.35 28.09 29.16
C PRO A 12 0.14 26.60 28.83
N VAL A 13 -0.19 25.79 29.85
CA VAL A 13 -0.63 24.38 29.74
C VAL A 13 -2.13 24.30 29.30
N SER A 14 -2.51 23.18 28.67
CA SER A 14 -3.86 22.98 28.13
C SER A 14 -4.95 22.78 29.18
N SER A 15 -6.22 22.96 28.76
CA SER A 15 -7.48 22.72 29.49
C SER A 15 -7.34 21.44 30.35
N TYR A 16 -7.17 20.24 29.76
CA TYR A 16 -7.02 19.05 30.59
C TYR A 16 -5.84 19.14 31.60
N LEU A 17 -4.64 19.59 31.18
CA LEU A 17 -3.50 19.66 32.08
C LEU A 17 -3.73 20.60 33.25
N ARG A 18 -4.55 21.68 33.07
CA ARG A 18 -4.89 22.59 34.16
C ARG A 18 -5.67 21.82 35.22
N PHE A 19 -6.77 21.18 34.75
CA PHE A 19 -7.66 20.33 35.53
C PHE A 19 -6.82 19.38 36.31
N SER A 20 -6.02 18.58 35.63
CA SER A 20 -5.06 17.66 36.25
C SER A 20 -4.26 18.26 37.44
N LYS A 21 -3.49 19.36 37.19
CA LYS A 21 -2.67 20.03 38.22
C LYS A 21 -3.48 20.44 39.46
N GLU A 22 -4.69 21.02 39.30
CA GLU A 22 -5.52 21.40 40.46
C GLU A 22 -6.08 20.17 41.23
N GLN A 23 -6.59 19.12 40.52
CA GLN A 23 -7.20 17.92 41.07
C GLN A 23 -6.21 17.01 41.77
N LEU A 24 -4.99 16.89 41.26
CA LEU A 24 -4.02 15.98 41.86
C LEU A 24 -3.83 16.19 43.38
N PRO A 25 -3.58 17.43 43.89
CA PRO A 25 -3.44 17.62 45.36
C PRO A 25 -4.60 17.06 46.16
N ILE A 26 -5.82 17.38 45.70
CA ILE A 26 -7.10 16.94 46.22
C ILE A 26 -7.17 15.39 46.29
N PHE A 27 -6.88 14.69 45.18
CA PHE A 27 -6.89 13.23 45.17
C PHE A 27 -5.79 12.68 46.03
N LYS A 28 -4.59 13.30 46.01
CA LYS A 28 -3.44 12.85 46.82
C LYS A 28 -3.75 12.98 48.30
N ALA A 29 -4.42 14.06 48.71
CA ALA A 29 -4.83 14.29 50.11
C ALA A 29 -5.77 13.20 50.61
N GLN A 30 -6.69 12.72 49.76
CA GLN A 30 -7.67 11.68 50.08
C GLN A 30 -7.18 10.24 50.02
N ASN A 31 -6.16 9.93 49.18
CA ASN A 31 -5.61 8.57 49.04
C ASN A 31 -4.08 8.68 49.14
N PRO A 32 -3.53 9.09 50.31
CA PRO A 32 -2.07 9.33 50.40
C PRO A 32 -1.12 8.21 50.04
N ASP A 33 -1.53 6.93 50.20
CA ASP A 33 -0.66 5.81 49.86
C ASP A 33 -0.91 5.18 48.45
N ALA A 34 -1.79 5.81 47.64
CA ALA A 34 -2.05 5.39 46.27
C ALA A 34 -0.94 5.96 45.36
N LYS A 35 -0.66 5.25 44.25
CA LYS A 35 0.36 5.65 43.28
C LYS A 35 -0.17 6.77 42.36
N THR A 36 0.69 7.76 42.02
CA THR A 36 0.39 8.91 41.16
C THR A 36 -0.25 8.50 39.82
N THR A 37 0.27 7.43 39.22
CA THR A 37 -0.19 6.87 37.95
C THR A 37 -1.67 6.49 37.99
N GLU A 38 -2.11 5.90 39.11
CA GLU A 38 -3.52 5.53 39.24
C GLU A 38 -4.35 6.78 39.44
N LEU A 39 -3.92 7.70 40.34
CA LEU A 39 -4.59 8.99 40.57
C LEU A 39 -4.86 9.71 39.22
N ILE A 40 -3.87 9.68 38.30
CA ILE A 40 -3.97 10.31 36.98
C ILE A 40 -5.03 9.63 36.11
N ARG A 41 -5.11 8.29 36.19
CA ARG A 41 -6.09 7.50 35.43
C ARG A 41 -7.53 7.90 35.85
N ARG A 42 -7.69 8.13 37.18
CA ARG A 42 -8.92 8.53 37.85
C ARG A 42 -9.27 9.98 37.48
N ILE A 43 -8.23 10.83 37.51
CA ILE A 43 -8.32 12.23 37.16
C ILE A 43 -8.73 12.39 35.71
N ALA A 44 -8.12 11.58 34.76
CA ALA A 44 -8.47 11.58 33.32
C ALA A 44 -9.96 11.28 33.17
N GLN A 45 -10.40 10.22 33.89
CA GLN A 45 -11.78 9.76 33.93
C GLN A 45 -12.69 10.94 34.26
N ARG A 46 -12.41 11.62 35.41
CA ARG A 46 -13.18 12.79 35.84
C ARG A 46 -13.27 13.83 34.69
N TRP A 47 -12.13 14.10 34.01
CA TRP A 47 -12.08 15.03 32.87
C TRP A 47 -13.04 14.56 31.79
N ARG A 48 -12.93 13.28 31.42
CA ARG A 48 -13.73 12.64 30.37
C ARG A 48 -15.22 12.74 30.66
N GLU A 49 -15.60 12.51 31.94
CA GLU A 49 -16.98 12.58 32.46
C GLU A 49 -17.54 14.00 32.49
N LEU A 50 -16.66 14.98 32.68
CA LEU A 50 -16.96 16.39 32.76
C LEU A 50 -17.73 16.91 31.50
N PRO A 51 -18.84 17.62 31.69
CA PRO A 51 -19.58 18.14 30.54
C PRO A 51 -18.75 19.07 29.67
N ASP A 52 -19.10 19.21 28.40
CA ASP A 52 -18.40 20.09 27.46
C ASP A 52 -18.50 21.56 27.81
N SER A 53 -19.60 21.97 28.45
CA SER A 53 -19.80 23.35 28.92
C SER A 53 -18.71 23.70 29.98
N LYS A 54 -18.46 22.71 30.89
CA LYS A 54 -17.45 22.78 31.95
C LYS A 54 -16.08 22.69 31.26
N LYS A 55 -15.92 21.79 30.27
CA LYS A 55 -14.68 21.70 29.51
C LYS A 55 -14.40 23.01 28.75
N LYS A 56 -15.44 23.80 28.39
CA LYS A 56 -15.27 25.08 27.69
C LYS A 56 -14.63 26.10 28.57
N ILE A 57 -15.04 26.19 29.86
CA ILE A 57 -14.46 27.12 30.84
C ILE A 57 -12.95 27.00 30.82
N TYR A 58 -12.44 25.76 30.92
CA TYR A 58 -11.03 25.52 30.84
C TYR A 58 -10.41 25.98 29.53
N GLN A 59 -11.05 25.69 28.35
CA GLN A 59 -10.44 26.17 27.07
C GLN A 59 -10.42 27.70 27.01
N ASP A 60 -11.56 28.35 27.29
CA ASP A 60 -11.69 29.81 27.30
C ASP A 60 -10.55 30.55 28.01
N ALA A 61 -10.05 29.94 29.10
CA ALA A 61 -9.00 30.46 29.93
C ALA A 61 -7.76 30.22 29.25
N TYR A 62 -7.48 28.98 28.77
CA TYR A 62 -6.24 28.67 28.02
C TYR A 62 -6.08 29.64 26.88
N ARG A 63 -7.12 29.78 26.05
CA ARG A 63 -7.17 30.72 24.94
C ARG A 63 -6.79 32.13 25.43
N ALA A 64 -7.43 32.61 26.51
CA ALA A 64 -7.08 33.91 27.11
C ALA A 64 -5.63 34.01 27.56
N GLU A 65 -5.14 32.92 28.13
CA GLU A 65 -3.80 32.80 28.63
C GLU A 65 -2.81 32.80 27.55
N TRP A 66 -3.18 32.25 26.36
CA TRP A 66 -2.34 32.22 25.16
C TRP A 66 -2.03 33.66 24.74
N GLN A 67 -3.07 34.50 24.75
CA GLN A 67 -2.99 35.92 24.45
C GLN A 67 -2.00 36.67 25.32
N VAL A 68 -2.00 36.36 26.64
CA VAL A 68 -1.06 36.98 27.56
C VAL A 68 0.33 36.52 27.18
N TYR A 69 0.50 35.20 26.86
CA TYR A 69 1.80 34.64 26.52
C TYR A 69 2.38 35.37 25.33
N LYS A 70 1.52 35.53 24.24
CA LYS A 70 1.91 36.22 23.01
C LYS A 70 2.50 37.55 23.40
N GLU A 71 1.79 38.30 24.23
CA GLU A 71 2.21 39.61 24.71
C GLU A 71 3.50 39.55 25.54
N GLU A 72 3.60 38.62 26.52
CA GLU A 72 4.78 38.44 27.36
C GLU A 72 5.98 38.04 26.48
N ILE A 73 5.79 37.10 25.57
CA ILE A 73 6.93 36.73 24.75
C ILE A 73 7.50 37.89 23.93
N SER A 74 6.63 38.68 23.29
CA SER A 74 6.97 39.85 22.46
C SER A 74 7.72 40.86 23.27
N ARG A 75 7.20 41.16 24.42
CA ARG A 75 7.81 42.05 25.35
C ARG A 75 9.19 41.57 25.76
N PHE A 76 9.33 40.31 26.12
CA PHE A 76 10.62 39.74 26.52
C PHE A 76 11.67 39.84 25.41
N LYS A 77 11.32 39.37 24.22
CA LYS A 77 12.19 39.42 23.06
C LYS A 77 12.56 40.86 22.69
N GLU A 78 11.59 41.81 22.76
CA GLU A 78 11.82 43.23 22.44
C GLU A 78 12.91 43.81 23.32
N GLN A 79 12.92 43.43 24.62
CA GLN A 79 13.90 43.91 25.59
C GLN A 79 15.27 43.15 25.56
N LEU A 80 15.50 42.25 24.56
CA LEU A 80 16.78 41.51 24.42
C LEU A 80 17.70 42.06 23.34
N THR A 81 18.98 41.80 23.48
CA THR A 81 20.00 42.26 22.54
C THR A 81 20.32 41.17 21.51
N PRO A 82 20.69 41.55 20.26
CA PRO A 82 21.08 40.55 19.24
C PRO A 82 21.80 39.27 19.73
N SER A 83 22.80 39.45 20.62
CA SER A 83 23.60 38.38 21.16
C SER A 83 22.78 37.51 22.09
N GLN A 84 21.91 38.13 22.90
CA GLN A 84 21.06 37.37 23.82
C GLN A 84 20.09 36.50 23.02
N ILE A 85 19.58 37.05 21.88
CA ILE A 85 18.68 36.35 21.01
C ILE A 85 19.35 35.10 20.46
N MET A 86 20.52 35.26 19.86
CA MET A 86 21.29 34.12 19.36
C MET A 86 21.57 33.13 20.48
N SER A 87 21.90 33.62 21.66
CA SER A 87 22.14 32.80 22.82
C SER A 87 20.87 31.93 23.08
N LEU A 88 19.67 32.57 23.07
CA LEU A 88 18.37 31.96 23.25
C LEU A 88 18.11 30.96 22.16
N GLU A 89 18.36 31.32 20.90
CA GLU A 89 18.18 30.35 19.83
C GLU A 89 19.07 29.12 20.07
N LYS A 90 20.40 29.36 20.34
CA LYS A 90 21.27 28.23 20.64
C LYS A 90 20.80 27.38 21.80
N GLU A 91 20.32 27.97 22.90
CA GLU A 91 19.83 27.21 24.07
C GLU A 91 18.73 26.24 23.73
N ILE A 92 17.75 26.72 22.92
CA ILE A 92 16.61 25.94 22.44
C ILE A 92 17.06 24.80 21.52
N MET A 93 17.92 25.10 20.52
CA MET A 93 18.44 24.09 19.59
C MET A 93 19.07 22.96 20.37
N ASP A 94 20.04 23.31 21.20
CA ASP A 94 20.80 22.42 22.04
C ASP A 94 19.88 21.54 22.89
N LYS A 95 18.85 22.14 23.49
CA LYS A 95 17.89 21.43 24.30
C LYS A 95 17.18 20.39 23.44
N HIS A 96 16.84 20.72 22.16
CA HIS A 96 16.13 19.83 21.26
C HIS A 96 16.98 18.70 20.89
N LEU A 97 18.16 19.00 20.37
CA LEU A 97 19.11 17.97 19.96
C LEU A 97 19.46 17.03 21.06
N LYS A 98 19.56 17.54 22.30
CA LYS A 98 19.87 16.71 23.50
C LYS A 98 18.79 15.69 23.76
N ARG A 99 17.57 16.11 23.52
CA ARG A 99 16.43 15.25 23.74
C ARG A 99 16.33 14.21 22.63
N LYS A 100 16.58 14.62 21.38
CA LYS A 100 16.49 13.70 20.24
C LYS A 100 17.50 12.58 20.43
N ALA A 101 18.72 12.97 20.89
CA ALA A 101 19.87 12.13 21.19
C ALA A 101 19.51 11.08 22.26
N MET A 102 18.97 11.56 23.39
CA MET A 102 18.60 10.74 24.50
C MET A 102 17.63 9.68 24.12
N THR A 103 16.72 10.02 23.21
CA THR A 103 15.67 9.14 22.71
C THR A 103 16.20 8.01 21.84
N LYS A 104 17.20 8.33 21.00
CA LYS A 104 17.82 7.38 20.11
C LYS A 104 18.54 6.37 20.98
N LYS A 105 19.33 6.89 21.97
CA LYS A 105 20.07 6.02 22.90
C LYS A 105 19.13 5.05 23.64
N LYS A 106 18.03 5.57 24.31
CA LYS A 106 17.05 4.75 24.99
C LYS A 106 16.52 3.62 24.11
N GLU A 107 16.14 3.95 22.84
CA GLU A 107 15.58 2.98 21.90
C GLU A 107 16.55 1.83 21.77
N LEU A 108 17.83 2.16 21.49
CA LEU A 108 18.91 1.20 21.33
C LEU A 108 19.07 0.34 22.55
N THR A 109 19.16 0.98 23.71
CA THR A 109 19.29 0.29 25.01
C THR A 109 18.11 -0.67 25.21
N LEU A 110 16.90 -0.24 24.87
CA LEU A 110 15.69 -1.06 24.99
C LEU A 110 15.75 -2.22 24.06
N LEU A 111 16.26 -2.03 22.84
CA LEU A 111 16.40 -3.13 21.86
C LEU A 111 17.66 -3.98 22.19
N GLY A 112 18.26 -3.72 23.35
CA GLY A 112 19.43 -4.42 23.88
C GLY A 112 20.60 -4.52 22.92
N LYS A 113 21.08 -3.35 22.45
CA LYS A 113 22.22 -3.30 21.53
C LYS A 113 23.52 -3.59 22.31
N PRO A 114 24.39 -4.49 21.80
CA PRO A 114 25.71 -4.75 22.44
C PRO A 114 26.57 -3.50 22.66
N LYS A 115 27.40 -3.50 23.73
CA LYS A 115 28.33 -2.39 24.01
C LYS A 115 29.38 -2.31 22.93
N ARG A 116 30.04 -1.17 22.78
CA ARG A 116 31.09 -1.07 21.75
C ARG A 116 32.33 -1.76 22.27
N PRO A 117 33.33 -2.12 21.44
CA PRO A 117 34.49 -2.81 21.99
C PRO A 117 35.27 -1.87 22.90
N ARG A 118 35.65 -2.40 24.07
CA ARG A 118 36.43 -1.73 25.13
C ARG A 118 37.86 -1.67 24.66
N SER A 119 38.48 -0.49 24.79
CA SER A 119 39.82 -0.23 24.34
C SER A 119 40.78 -0.75 25.39
N ALA A 120 42.10 -0.85 25.06
CA ALA A 120 43.12 -1.28 26.00
C ALA A 120 43.04 -0.36 27.19
N TYR A 121 42.99 0.95 26.93
CA TYR A 121 42.84 1.98 27.95
C TYR A 121 41.60 1.78 28.83
N ASN A 122 40.46 1.40 28.21
CA ASN A 122 39.23 1.10 28.97
C ASN A 122 39.51 0.02 29.99
N VAL A 123 40.14 -1.10 29.55
CA VAL A 123 40.56 -2.25 30.38
C VAL A 123 41.46 -1.75 31.52
N TYR A 124 42.42 -0.91 31.18
CA TYR A 124 43.32 -0.34 32.17
C TYR A 124 42.51 0.42 33.24
N VAL A 125 41.60 1.33 32.80
CA VAL A 125 40.75 2.13 33.71
C VAL A 125 39.90 1.23 34.63
N ALA A 126 39.31 0.17 34.07
CA ALA A 126 38.49 -0.78 34.82
C ALA A 126 39.28 -1.37 35.99
N GLU A 127 40.48 -1.93 35.68
CA GLU A 127 41.40 -2.56 36.63
C GLU A 127 41.98 -1.63 37.72
N ARG A 128 42.52 -0.49 37.29
CA ARG A 128 43.27 0.45 38.10
C ARG A 128 42.50 1.61 38.76
N PHE A 129 41.21 1.74 38.50
CA PHE A 129 40.44 2.85 39.07
C PHE A 129 40.34 2.87 40.58
N GLN A 130 39.77 1.79 41.18
CA GLN A 130 39.52 1.64 42.62
C GLN A 130 40.70 2.10 43.46
N GLU A 131 41.89 1.66 43.07
CA GLU A 131 43.15 1.90 43.74
C GLU A 131 43.84 3.24 43.50
N ALA A 132 43.45 3.99 42.46
CA ALA A 132 44.08 5.28 42.11
C ALA A 132 43.99 6.32 43.20
N LYS A 133 45.08 7.10 43.31
CA LYS A 133 45.21 8.20 44.27
C LYS A 133 44.29 9.37 43.83
N GLY A 134 43.54 9.92 44.78
CA GLY A 134 42.65 11.05 44.55
C GLY A 134 41.37 10.98 45.34
N ASP A 135 40.83 12.17 45.65
CA ASP A 135 39.58 12.31 46.43
C ASP A 135 38.36 11.94 45.60
N SER A 136 38.04 12.81 44.64
CA SER A 136 36.93 12.70 43.72
C SER A 136 37.23 11.69 42.61
N PRO A 137 36.20 11.02 42.01
CA PRO A 137 36.46 10.12 40.87
C PRO A 137 37.15 10.86 39.71
N GLN A 138 36.95 12.20 39.63
CA GLN A 138 37.57 13.08 38.64
C GLN A 138 39.08 13.07 38.82
N GLU A 139 39.54 13.18 40.07
CA GLU A 139 40.97 13.19 40.41
C GLU A 139 41.56 11.82 40.24
N LYS A 140 40.79 10.80 40.59
CA LYS A 140 41.21 9.41 40.45
C LYS A 140 41.50 9.08 38.98
N LEU A 141 40.64 9.57 38.03
CA LEU A 141 40.80 9.33 36.60
C LEU A 141 42.10 9.95 36.13
N LYS A 142 42.33 11.22 36.53
CA LYS A 142 43.51 12.03 36.21
C LYS A 142 44.77 11.24 36.54
N THR A 143 44.71 10.50 37.63
CA THR A 143 45.80 9.64 38.14
C THR A 143 46.02 8.45 37.19
N VAL A 144 44.95 7.67 36.91
CA VAL A 144 44.97 6.52 36.02
C VAL A 144 45.50 6.96 34.63
N LYS A 145 44.94 8.07 34.08
CA LYS A 145 45.33 8.68 32.81
C LYS A 145 46.88 8.91 32.78
N GLU A 146 47.40 9.49 33.88
CA GLU A 146 48.82 9.76 34.01
C GLU A 146 49.68 8.52 34.00
N ASN A 147 49.31 7.48 34.77
CA ASN A 147 50.05 6.23 34.80
C ASN A 147 50.06 5.58 33.42
N TRP A 148 48.89 5.58 32.76
CA TRP A 148 48.68 5.02 31.42
C TRP A 148 49.66 5.61 30.40
N LYS A 149 49.87 6.94 30.48
CA LYS A 149 50.78 7.65 29.61
C LYS A 149 52.22 7.14 29.76
N ASN A 150 52.60 6.78 30.99
CA ASN A 150 53.93 6.29 31.36
C ASN A 150 54.12 4.76 31.27
N LEU A 151 53.19 4.07 30.62
CA LEU A 151 53.22 2.63 30.48
C LEU A 151 54.19 2.11 29.43
N SER A 152 54.97 1.11 29.84
CA SER A 152 55.87 0.38 28.97
C SER A 152 54.99 -0.42 28.02
N ASP A 153 55.27 -0.37 26.69
CA ASP A 153 54.51 -1.12 25.67
C ASP A 153 54.49 -2.63 25.94
N SER A 154 55.39 -3.07 26.84
CA SER A 154 55.49 -4.40 27.39
C SER A 154 54.26 -4.54 28.35
N GLU A 155 54.05 -3.58 29.30
CA GLU A 155 52.89 -3.65 30.22
C GLU A 155 51.56 -3.41 29.48
N LYS A 156 51.52 -2.40 28.60
CA LYS A 156 50.40 -2.01 27.76
C LYS A 156 49.81 -3.20 26.96
N GLU A 157 50.63 -4.18 26.65
CA GLU A 157 50.28 -5.37 25.85
C GLU A 157 49.23 -6.29 26.45
N LEU A 158 49.25 -6.43 27.78
CA LEU A 158 48.32 -7.25 28.57
C LEU A 158 46.90 -6.79 28.22
N TYR A 159 46.71 -5.44 28.35
CA TYR A 159 45.50 -4.69 28.09
C TYR A 159 45.10 -4.80 26.61
N ILE A 160 46.06 -4.58 25.68
CA ILE A 160 45.86 -4.68 24.25
C ILE A 160 45.32 -6.07 23.88
N GLN A 161 45.72 -7.12 24.63
CA GLN A 161 45.21 -8.45 24.34
C GLN A 161 43.78 -8.60 24.81
N HIS A 162 43.43 -8.05 26.00
CA HIS A 162 42.04 -8.06 26.51
C HIS A 162 41.15 -7.29 25.56
N ALA A 163 41.67 -6.15 25.06
CA ALA A 163 41.00 -5.33 24.10
C ALA A 163 40.70 -6.15 22.81
N LYS A 164 41.70 -6.95 22.32
CA LYS A 164 41.54 -7.84 21.16
C LYS A 164 40.50 -8.91 21.44
N GLU A 165 40.36 -9.31 22.71
CA GLU A 165 39.40 -10.35 23.13
C GLU A 165 37.97 -9.82 23.08
N ASP A 166 37.78 -8.54 23.50
CA ASP A 166 36.49 -7.85 23.51
C ASP A 166 36.04 -7.53 22.09
N GLU A 167 37.02 -7.15 21.21
CA GLU A 167 36.79 -6.90 19.78
C GLU A 167 36.12 -8.14 19.15
N THR A 168 36.44 -9.30 19.68
CA THR A 168 35.83 -10.54 19.21
C THR A 168 34.42 -10.62 19.71
N ARG A 169 34.22 -10.36 21.01
CA ARG A 169 32.85 -10.43 21.49
C ARG A 169 31.92 -9.51 20.79
N TYR A 170 32.39 -8.28 20.59
CA TYR A 170 31.66 -7.25 19.92
C TYR A 170 31.19 -7.77 18.58
N HIS A 171 32.12 -8.19 17.74
CA HIS A 171 31.79 -8.65 16.41
C HIS A 171 30.75 -9.73 16.36
N ASN A 172 30.81 -10.61 17.36
CA ASN A 172 29.91 -11.74 17.53
C ASN A 172 28.55 -11.29 17.97
N GLU A 173 28.50 -10.56 19.11
CA GLU A 173 27.26 -10.01 19.67
C GLU A 173 26.54 -9.19 18.57
N MET A 174 27.32 -8.37 17.83
CA MET A 174 26.80 -7.55 16.75
C MET A 174 26.16 -8.37 15.67
N LYS A 175 26.84 -9.44 15.23
CA LYS A 175 26.34 -10.31 14.17
C LYS A 175 24.94 -10.83 14.50
N SER A 176 24.76 -11.21 15.79
CA SER A 176 23.55 -11.77 16.38
C SER A 176 22.49 -10.74 16.49
N TRP A 177 22.82 -9.61 17.17
CA TRP A 177 21.91 -8.48 17.36
C TRP A 177 21.39 -7.98 16.03
N GLU A 178 22.28 -7.78 15.00
CA GLU A 178 21.89 -7.26 13.70
C GLU A 178 20.99 -8.27 13.09
N GLU A 179 21.36 -9.58 13.16
CA GLU A 179 20.50 -10.67 12.67
C GLU A 179 19.04 -10.53 13.23
N GLN A 180 18.91 -10.23 14.53
CA GLN A 180 17.66 -10.04 15.28
C GLN A 180 16.91 -8.82 14.83
N MET A 181 17.65 -7.73 14.57
CA MET A 181 17.11 -6.45 14.12
C MET A 181 16.39 -6.56 12.77
N ILE A 182 16.98 -7.32 11.83
CA ILE A 182 16.41 -7.57 10.52
C ILE A 182 15.09 -8.30 10.72
N GLU A 183 15.09 -9.22 11.68
CA GLU A 183 13.96 -10.08 12.01
C GLU A 183 12.84 -9.34 12.66
N VAL A 184 13.14 -8.27 13.42
CA VAL A 184 12.06 -7.47 14.00
C VAL A 184 11.73 -6.25 13.06
N GLY A 185 12.30 -6.29 11.84
CA GLY A 185 12.12 -5.26 10.82
C GLY A 185 12.62 -3.87 11.17
N ARG A 186 13.86 -3.82 11.64
CA ARG A 186 14.58 -2.59 11.98
C ARG A 186 15.93 -2.58 11.26
N LYS A 187 15.90 -2.85 9.93
CA LYS A 187 17.10 -2.85 9.09
C LYS A 187 17.83 -1.50 9.17
N ASP A 188 17.12 -0.43 9.49
CA ASP A 188 17.65 0.93 9.64
C ASP A 188 18.78 0.99 10.68
N LEU A 189 18.71 0.19 11.75
CA LEU A 189 19.66 0.11 12.86
C LEU A 189 20.97 -0.66 12.54
N LEU A 190 21.12 -1.10 11.29
CA LEU A 190 22.30 -1.84 10.86
C LEU A 190 23.44 -0.91 10.48
N ARG A 191 24.69 -1.40 10.56
CA ARG A 191 25.84 -0.61 10.18
C ARG A 191 25.85 -0.53 8.68
N ARG A 192 26.21 0.63 8.11
CA ARG A 192 26.38 0.74 6.68
C ARG A 192 27.79 0.19 6.32
N THR A 193 28.77 0.25 7.24
CA THR A 193 30.17 -0.17 7.08
C THR A 193 30.79 -0.83 8.32
N ILE A 194 31.23 -2.08 8.13
CA ILE A 194 31.88 -2.91 9.14
C ILE A 194 33.37 -2.93 8.88
N LYS A 195 34.15 -2.63 9.92
CA LYS A 195 35.60 -2.58 9.88
C LYS A 195 36.21 -4.00 9.61
N LYS A 196 35.90 -4.98 10.50
CA LYS A 196 36.37 -6.37 10.38
C LYS A 196 35.31 -7.41 9.93
N GLN A 197 34.62 -7.12 8.77
CA GLN A 197 33.61 -7.92 8.04
C GLN A 197 32.97 -7.15 6.85
N ARG A 198 32.12 -7.85 6.06
CA ARG A 198 31.41 -7.33 4.88
C ARG A 198 30.20 -6.47 5.31
N LYS A 199 30.22 -5.17 4.90
CA LYS A 199 29.25 -4.10 5.20
C LYS A 199 27.77 -4.45 4.95
N SER D 3 28.03 33.59 5.42
CA SER D 3 28.49 34.93 5.76
C SER D 3 29.76 34.86 6.66
N VAL D 4 29.60 34.38 7.93
CA VAL D 4 30.75 34.18 8.85
C VAL D 4 31.45 32.99 8.23
N LEU D 5 30.69 31.87 8.06
CA LEU D 5 31.14 30.64 7.42
C LEU D 5 31.75 30.89 6.09
N ALA D 6 31.22 31.88 5.33
CA ALA D 6 31.74 32.27 4.03
C ALA D 6 33.24 32.63 4.09
N SER D 7 33.61 33.49 5.04
CA SER D 7 35.01 33.91 5.26
C SER D 7 35.88 32.89 6.03
N CYS D 8 35.26 31.87 6.59
CA CYS D 8 35.96 30.93 7.43
C CYS D 8 37.02 30.11 6.75
N PRO D 9 38.22 29.92 7.36
CA PRO D 9 39.22 29.04 6.74
C PRO D 9 38.70 27.62 6.51
N LYS D 10 38.92 27.07 5.29
CA LYS D 10 38.47 25.72 4.98
C LYS D 10 39.55 24.70 5.28
N LYS D 11 39.12 23.50 5.73
CA LYS D 11 40.03 22.41 6.05
C LYS D 11 40.71 21.95 4.73
N PRO D 12 41.92 21.44 4.81
CA PRO D 12 42.54 20.93 3.59
C PRO D 12 41.90 19.62 3.13
N VAL D 13 41.90 19.34 1.79
CA VAL D 13 41.48 18.05 1.21
C VAL D 13 42.62 17.01 1.34
N SER D 14 42.22 15.72 1.39
CA SER D 14 43.13 14.58 1.55
C SER D 14 44.03 14.29 0.35
N SER D 15 45.11 13.51 0.63
CA SER D 15 46.09 12.98 -0.33
C SER D 15 45.39 12.51 -1.60
N TYR D 16 44.54 11.49 -1.54
CA TYR D 16 43.82 11.08 -2.76
C TYR D 16 43.01 12.23 -3.45
N LEU D 17 42.28 13.03 -2.69
CA LEU D 17 41.50 14.09 -3.32
C LEU D 17 42.40 15.13 -3.98
N ARG D 18 43.61 15.35 -3.39
CA ARG D 18 44.57 16.30 -3.97
C ARG D 18 44.95 15.80 -5.35
N PHE D 19 45.33 14.50 -5.44
CA PHE D 19 45.67 13.83 -6.69
C PHE D 19 44.49 13.92 -7.69
N SER D 20 43.31 13.42 -7.33
CA SER D 20 42.08 13.53 -8.13
C SER D 20 41.88 14.90 -8.84
N LYS D 21 41.71 16.01 -8.06
CA LYS D 21 41.47 17.40 -8.54
C LYS D 21 42.52 17.78 -9.62
N GLU D 22 43.79 17.39 -9.39
CA GLU D 22 44.92 17.67 -10.25
C GLU D 22 44.92 16.85 -11.58
N GLN D 23 44.68 15.53 -11.50
CA GLN D 23 44.64 14.57 -12.59
C GLN D 23 43.42 14.72 -13.49
N LEU D 24 42.28 15.12 -12.95
CA LEU D 24 41.08 15.24 -13.77
C LEU D 24 41.29 16.10 -15.04
N PRO D 25 41.90 17.33 -14.96
CA PRO D 25 42.10 18.13 -16.19
C PRO D 25 42.85 17.37 -17.27
N ILE D 26 43.92 16.70 -16.87
CA ILE D 26 44.79 15.86 -17.67
C ILE D 26 43.97 14.77 -18.40
N PHE D 27 43.17 14.01 -17.66
CA PHE D 27 42.35 12.97 -18.27
C PHE D 27 41.28 13.56 -19.14
N LYS D 28 40.62 14.68 -18.70
CA LYS D 28 39.58 15.38 -19.47
C LYS D 28 40.13 15.90 -20.79
N ALA D 29 41.37 16.43 -20.79
CA ALA D 29 42.03 16.92 -22.00
C ALA D 29 42.19 15.80 -23.04
N GLN D 30 42.54 14.57 -22.61
CA GLN D 30 42.76 13.41 -23.46
C GLN D 30 41.51 12.66 -23.91
N ASN D 31 40.39 12.69 -23.14
CA ASN D 31 39.15 12.00 -23.53
C ASN D 31 38.00 13.01 -23.36
N PRO D 32 37.96 14.09 -24.17
CA PRO D 32 36.95 15.15 -23.98
C PRO D 32 35.48 14.78 -23.97
N ASP D 33 35.10 13.68 -24.65
CA ASP D 33 33.71 13.25 -24.72
C ASP D 33 33.29 12.20 -23.67
N ALA D 34 34.24 11.76 -22.81
CA ALA D 34 33.98 10.80 -21.74
C ALA D 34 33.35 11.54 -20.54
N LYS D 35 32.51 10.84 -19.78
CA LYS D 35 31.84 11.36 -18.58
C LYS D 35 32.81 11.37 -17.37
N THR D 36 32.68 12.40 -16.52
CA THR D 36 33.46 12.63 -15.32
C THR D 36 33.54 11.37 -14.41
N THR D 37 32.41 10.68 -14.21
CA THR D 37 32.31 9.45 -13.41
C THR D 37 33.29 8.37 -13.89
N GLU D 38 33.41 8.24 -15.22
CA GLU D 38 34.32 7.31 -15.88
C GLU D 38 35.79 7.70 -15.61
N LEU D 39 36.11 8.99 -15.75
CA LEU D 39 37.42 9.55 -15.51
C LEU D 39 37.87 9.33 -14.06
N ILE D 40 36.94 9.52 -13.10
CA ILE D 40 37.19 9.34 -11.65
C ILE D 40 37.55 7.91 -11.29
N ARG D 41 36.84 6.96 -11.95
CA ARG D 41 37.01 5.51 -11.81
C ARG D 41 38.46 5.16 -12.10
N ARG D 42 38.97 5.74 -13.21
CA ARG D 42 40.29 5.58 -13.82
C ARG D 42 41.36 6.20 -12.96
N ILE D 43 41.05 7.40 -12.41
CA ILE D 43 41.95 8.13 -11.52
C ILE D 43 42.21 7.32 -10.27
N ALA D 44 41.12 6.78 -9.62
CA ALA D 44 41.30 5.96 -8.43
C ALA D 44 42.24 4.84 -8.72
N GLN D 45 42.11 4.21 -9.92
CA GLN D 45 42.98 3.13 -10.38
C GLN D 45 44.44 3.62 -10.29
N ARG D 46 44.72 4.73 -10.97
CA ARG D 46 46.04 5.34 -10.98
C ARG D 46 46.50 5.57 -9.54
N TRP D 47 45.63 6.13 -8.65
CA TRP D 47 45.98 6.37 -7.25
C TRP D 47 46.39 5.08 -6.59
N ARG D 48 45.53 4.03 -6.75
CA ARG D 48 45.70 2.69 -6.18
C ARG D 48 47.00 2.09 -6.57
N GLU D 49 47.35 2.22 -7.86
CA GLU D 49 48.60 1.70 -8.48
C GLU D 49 49.83 2.44 -7.96
N LEU D 50 49.70 3.76 -7.77
CA LEU D 50 50.74 4.67 -7.34
C LEU D 50 51.56 4.16 -6.12
N PRO D 51 52.92 4.17 -6.24
CA PRO D 51 53.78 3.74 -5.13
C PRO D 51 53.54 4.54 -3.88
N ASP D 52 53.90 3.95 -2.73
CA ASP D 52 53.75 4.60 -1.44
C ASP D 52 54.56 5.86 -1.29
N SER D 53 55.76 5.88 -1.91
CA SER D 53 56.64 7.08 -1.90
C SER D 53 55.93 8.28 -2.53
N LYS D 54 55.25 8.09 -3.65
CA LYS D 54 54.50 9.12 -4.37
C LYS D 54 53.28 9.59 -3.51
N LYS D 55 52.47 8.61 -3.03
CA LYS D 55 51.35 8.81 -2.13
C LYS D 55 51.84 9.57 -0.89
N LYS D 56 53.11 9.34 -0.46
CA LYS D 56 53.63 10.04 0.72
C LYS D 56 53.70 11.51 0.50
N ILE D 57 54.22 11.94 -0.68
CA ILE D 57 54.36 13.35 -1.04
C ILE D 57 53.04 14.05 -0.77
N TYR D 58 51.93 13.47 -1.30
CA TYR D 58 50.59 13.98 -1.07
C TYR D 58 50.23 14.01 0.41
N GLN D 59 50.50 12.94 1.23
CA GLN D 59 50.18 13.03 2.68
C GLN D 59 50.97 14.12 3.39
N ASP D 60 52.30 14.16 3.19
CA ASP D 60 53.22 15.14 3.79
C ASP D 60 52.74 16.60 3.72
N ALA D 61 52.14 16.92 2.58
CA ALA D 61 51.57 18.19 2.18
C ALA D 61 50.32 18.40 2.98
N TYR D 62 49.37 17.41 2.92
CA TYR D 62 48.11 17.46 3.66
C TYR D 62 48.40 17.71 5.11
N ARG D 63 49.29 16.92 5.71
CA ARG D 63 49.68 17.06 7.10
C ARG D 63 50.15 18.49 7.31
N ALA D 64 51.09 19.00 6.45
CA ALA D 64 51.59 20.39 6.54
C ALA D 64 50.48 21.44 6.46
N GLU D 65 49.56 21.21 5.57
CA GLU D 65 48.44 22.07 5.33
C GLU D 65 47.51 22.08 6.50
N TRP D 66 47.39 20.91 7.24
CA TRP D 66 46.51 20.76 8.40
C TRP D 66 47.00 21.76 9.46
N GLN D 67 48.31 21.82 9.63
CA GLN D 67 48.96 22.72 10.58
C GLN D 67 48.66 24.17 10.32
N VAL D 68 48.63 24.58 9.05
CA VAL D 68 48.33 25.96 8.66
C VAL D 68 46.87 26.22 9.06
N TYR D 69 45.94 25.27 8.76
CA TYR D 69 44.52 25.38 9.09
C TYR D 69 44.36 25.57 10.60
N LYS D 70 45.12 24.74 11.41
CA LYS D 70 45.09 24.75 12.88
C LYS D 70 45.28 26.13 13.23
N GLU D 71 46.41 26.70 12.81
CA GLU D 71 46.79 28.08 13.08
C GLU D 71 45.74 29.05 12.59
N GLU D 72 45.26 28.88 11.36
CA GLU D 72 44.26 29.78 10.84
C GLU D 72 42.94 29.80 11.52
N ILE D 73 42.34 28.66 11.91
CA ILE D 73 41.05 28.79 12.65
C ILE D 73 41.29 29.39 14.04
N SER D 74 42.42 29.03 14.71
CA SER D 74 42.80 29.55 16.02
C SER D 74 42.73 31.06 15.98
N ARG D 75 43.43 31.68 15.02
CA ARG D 75 43.36 33.13 14.88
C ARG D 75 42.00 33.65 14.37
N PHE D 76 41.36 32.97 13.40
CA PHE D 76 40.03 33.40 12.92
C PHE D 76 39.07 33.51 14.08
N LYS D 77 38.96 32.43 14.83
CA LYS D 77 38.11 32.28 16.00
C LYS D 77 38.45 33.29 17.05
N GLU D 78 39.75 33.47 17.38
CA GLU D 78 40.15 34.48 18.40
C GLU D 78 39.70 35.89 18.05
N GLN D 79 39.73 36.28 16.76
CA GLN D 79 39.33 37.61 16.29
C GLN D 79 37.81 37.77 16.06
N LEU D 80 37.02 36.82 16.59
CA LEU D 80 35.56 36.84 16.45
C LEU D 80 34.88 37.15 17.76
N THR D 81 33.72 37.78 17.66
CA THR D 81 32.92 38.14 18.85
C THR D 81 32.04 36.94 19.23
N PRO D 82 31.68 36.74 20.53
CA PRO D 82 30.77 35.63 20.90
C PRO D 82 29.51 35.39 20.04
N SER D 83 28.90 36.47 19.55
CA SER D 83 27.73 36.40 18.72
C SER D 83 28.11 35.89 17.30
N GLN D 84 29.25 36.34 16.76
CA GLN D 84 29.72 35.85 15.44
C GLN D 84 30.02 34.37 15.52
N ILE D 85 30.59 33.91 16.65
CA ILE D 85 30.89 32.51 16.88
C ILE D 85 29.61 31.69 16.84
N MET D 86 28.61 32.06 17.64
CA MET D 86 27.34 31.37 17.66
C MET D 86 26.74 31.42 16.27
N SER D 87 26.88 32.55 15.54
CA SER D 87 26.36 32.69 14.20
C SER D 87 26.97 31.60 13.30
N LEU D 88 28.32 31.44 13.41
CA LEU D 88 29.12 30.43 12.71
C LEU D 88 28.66 29.02 13.15
N GLU D 89 28.57 28.74 14.45
CA GLU D 89 28.07 27.47 14.97
C GLU D 89 26.70 27.15 14.36
N LYS D 90 25.77 28.14 14.32
CA LYS D 90 24.41 28.01 13.77
C LYS D 90 24.44 27.67 12.31
N GLU D 91 25.18 28.45 11.49
CA GLU D 91 25.36 28.28 10.06
C GLU D 91 25.80 26.86 9.77
N ILE D 92 26.75 26.34 10.55
CA ILE D 92 27.27 24.97 10.45
C ILE D 92 26.18 23.95 10.83
N MET D 93 25.57 24.11 12.02
CA MET D 93 24.49 23.24 12.49
C MET D 93 23.42 23.16 11.40
N ASP D 94 22.97 24.32 10.88
CA ASP D 94 21.96 24.45 9.87
C ASP D 94 22.31 23.75 8.58
N LYS D 95 23.48 23.98 8.08
CA LYS D 95 24.00 23.31 6.87
C LYS D 95 23.99 21.78 7.07
N HIS D 96 24.33 21.31 8.27
CA HIS D 96 24.36 19.92 8.58
C HIS D 96 22.94 19.29 8.63
N LEU D 97 22.00 19.94 9.38
CA LEU D 97 20.61 19.52 9.50
C LEU D 97 19.90 19.55 8.17
N LYS D 98 20.20 20.54 7.28
CA LYS D 98 19.63 20.66 5.95
C LYS D 98 20.00 19.47 5.10
N ARG D 99 21.24 19.01 5.25
CA ARG D 99 21.73 17.86 4.51
C ARG D 99 21.10 16.57 5.05
N LYS D 100 20.98 16.41 6.38
CA LYS D 100 20.42 15.21 6.97
C LYS D 100 19.01 15.03 6.49
N ALA D 101 18.28 16.18 6.48
CA ALA D 101 16.90 16.33 6.08
C ALA D 101 16.72 15.95 4.62
N MET D 102 17.56 16.51 3.73
CA MET D 102 17.50 16.23 2.30
C MET D 102 17.69 14.76 1.98
N THR D 103 18.51 14.10 2.77
CA THR D 103 18.81 12.68 2.65
C THR D 103 17.61 11.81 3.07
N LYS D 104 16.92 12.19 4.15
CA LYS D 104 15.72 11.51 4.63
C LYS D 104 14.66 11.65 3.56
N LYS D 105 14.44 12.86 3.01
CA LYS D 105 13.46 13.11 1.97
C LYS D 105 13.74 12.23 0.76
N LYS D 106 15.01 12.25 0.21
CA LYS D 106 15.41 11.40 -0.93
C LYS D 106 15.06 9.94 -0.73
N GLU D 107 15.41 9.39 0.48
CA GLU D 107 15.17 8.00 0.84
C GLU D 107 13.70 7.72 0.68
N LEU D 108 12.85 8.56 1.32
CA LEU D 108 11.40 8.45 1.27
C LEU D 108 10.90 8.47 -0.14
N THR D 109 11.32 9.47 -0.92
CA THR D 109 10.98 9.61 -2.32
C THR D 109 11.33 8.34 -3.08
N LEU D 110 12.54 7.80 -2.84
CA LEU D 110 13.00 6.58 -3.49
C LEU D 110 12.14 5.40 -3.08
N LEU D 111 11.76 5.30 -1.83
CA LEU D 111 10.89 4.22 -1.38
C LEU D 111 9.42 4.48 -1.78
N GLY D 112 9.22 5.48 -2.63
CA GLY D 112 7.89 5.84 -3.10
C GLY D 112 6.84 6.05 -2.03
N LYS D 113 7.11 6.94 -1.07
CA LYS D 113 6.17 7.28 0.00
C LYS D 113 5.08 8.19 -0.60
N PRO D 114 3.79 7.91 -0.28
CA PRO D 114 2.68 8.76 -0.77
C PRO D 114 2.77 10.22 -0.43
N LYS D 115 2.18 11.09 -1.24
CA LYS D 115 2.09 12.55 -0.94
C LYS D 115 1.14 12.75 0.21
N ARG D 116 1.28 13.84 0.98
CA ARG D 116 0.38 14.10 2.11
C ARG D 116 -0.97 14.51 1.57
N PRO D 117 -2.07 14.44 2.33
CA PRO D 117 -3.35 14.83 1.76
C PRO D 117 -3.39 16.30 1.48
N ARG D 118 -3.92 16.65 0.29
CA ARG D 118 -4.10 18.00 -0.22
C ARG D 118 -5.27 18.61 0.55
N SER D 119 -5.08 19.85 1.06
CA SER D 119 -6.12 20.57 1.82
C SER D 119 -7.07 21.19 0.81
N ALA D 120 -8.25 21.68 1.28
CA ALA D 120 -9.21 22.38 0.41
C ALA D 120 -8.45 23.52 -0.28
N TYR D 121 -7.69 24.28 0.51
CA TYR D 121 -6.86 25.37 0.02
C TYR D 121 -5.85 24.92 -1.05
N ASN D 122 -5.23 23.74 -0.89
CA ASN D 122 -4.30 23.20 -1.87
C ASN D 122 -5.02 23.04 -3.21
N VAL D 123 -6.25 22.44 -3.17
CA VAL D 123 -7.12 22.24 -4.34
C VAL D 123 -7.44 23.62 -4.97
N TYR D 124 -7.79 24.60 -4.12
CA TYR D 124 -8.05 25.94 -4.60
C TYR D 124 -6.85 26.51 -5.33
N VAL D 125 -5.63 26.43 -4.74
CA VAL D 125 -4.40 26.92 -5.38
C VAL D 125 -4.15 26.26 -6.74
N ALA D 126 -4.37 24.94 -6.84
CA ALA D 126 -4.18 24.18 -8.06
C ALA D 126 -5.05 24.75 -9.19
N GLU D 127 -6.36 24.96 -8.90
CA GLU D 127 -7.39 25.47 -9.82
C GLU D 127 -7.27 26.93 -10.21
N ARG D 128 -6.99 27.82 -9.26
CA ARG D 128 -6.98 29.23 -9.53
C ARG D 128 -5.65 29.87 -9.76
N PHE D 129 -4.55 29.12 -9.67
CA PHE D 129 -3.23 29.72 -9.89
C PHE D 129 -3.05 30.36 -11.25
N GLN D 130 -3.23 29.58 -12.33
CA GLN D 130 -3.05 29.98 -13.72
C GLN D 130 -3.63 31.36 -14.02
N GLU D 131 -4.87 31.55 -13.58
CA GLU D 131 -5.67 32.74 -13.81
C GLU D 131 -5.46 33.93 -12.90
N ALA D 132 -4.76 33.74 -11.77
CA ALA D 132 -4.50 34.81 -10.82
C ALA D 132 -3.71 35.99 -11.40
N LYS D 133 -4.09 37.19 -10.97
CA LYS D 133 -3.48 38.46 -11.35
C LYS D 133 -2.12 38.57 -10.66
N GLY D 134 -1.11 38.97 -11.42
CA GLY D 134 0.24 39.16 -10.90
C GLY D 134 1.30 38.78 -11.88
N ASP D 135 2.47 39.44 -11.79
CA ASP D 135 3.58 39.18 -12.68
C ASP D 135 4.34 37.92 -12.27
N SER D 136 4.98 37.97 -11.10
CA SER D 136 5.76 36.88 -10.52
C SER D 136 4.84 35.82 -9.92
N PRO D 137 5.25 34.52 -9.84
CA PRO D 137 4.40 33.51 -9.18
C PRO D 137 4.13 33.87 -7.71
N GLN D 138 5.05 34.66 -7.09
CA GLN D 138 4.94 35.19 -5.73
C GLN D 138 3.72 36.09 -5.63
N GLU D 139 3.54 37.00 -6.61
CA GLU D 139 2.42 37.94 -6.65
C GLU D 139 1.13 37.21 -6.95
N LYS D 140 1.22 36.20 -7.83
CA LYS D 140 0.07 35.40 -8.21
C LYS D 140 -0.49 34.65 -6.99
N LEU D 141 0.42 34.13 -6.13
CA LEU D 141 0.01 33.40 -4.92
C LEU D 141 -0.75 34.34 -3.99
N LYS D 142 -0.16 35.55 -3.76
CA LYS D 142 -0.71 36.62 -2.92
C LYS D 142 -2.18 36.88 -3.28
N THR D 143 -2.46 36.83 -4.58
CA THR D 143 -3.77 37.02 -5.18
C THR D 143 -4.71 35.88 -4.77
N VAL D 144 -4.27 34.61 -5.02
CA VAL D 144 -5.02 33.38 -4.71
C VAL D 144 -5.36 33.35 -3.20
N LYS D 145 -4.32 33.61 -2.36
CA LYS D 145 -4.41 33.65 -0.90
C LYS D 145 -5.56 34.60 -0.49
N GLU D 146 -5.58 35.80 -1.11
CA GLU D 146 -6.58 36.80 -0.82
C GLU D 146 -8.01 36.40 -1.16
N ASN D 147 -8.23 35.80 -2.33
CA ASN D 147 -9.59 35.43 -2.73
C ASN D 147 -10.07 34.20 -1.99
N TRP D 148 -9.11 33.41 -1.46
CA TRP D 148 -9.41 32.24 -0.63
C TRP D 148 -10.01 32.71 0.70
N LYS D 149 -9.41 33.78 1.27
CA LYS D 149 -9.85 34.36 2.52
C LYS D 149 -11.31 34.86 2.43
N ASN D 150 -11.69 35.44 1.28
CA ASN D 150 -13.01 36.01 1.01
C ASN D 150 -14.03 35.02 0.38
N LEU D 151 -13.76 33.72 0.47
CA LEU D 151 -14.63 32.70 -0.10
C LEU D 151 -15.88 32.41 0.70
N SER D 152 -17.01 32.35 -0.01
CA SER D 152 -18.31 31.95 0.53
C SER D 152 -18.20 30.46 0.87
N ASP D 153 -18.64 30.06 2.07
CA ASP D 153 -18.61 28.65 2.49
C ASP D 153 -19.39 27.73 1.54
N SER D 154 -20.20 28.36 0.67
CA SER D 154 -20.93 27.76 -0.43
C SER D 154 -19.86 27.34 -1.48
N GLU D 155 -19.00 28.31 -1.90
CA GLU D 155 -17.92 28.04 -2.87
C GLU D 155 -16.85 27.11 -2.28
N LYS D 156 -16.40 27.41 -1.05
CA LYS D 156 -15.40 26.66 -0.27
C LYS D 156 -15.69 25.14 -0.19
N GLU D 157 -16.96 24.76 -0.22
CA GLU D 157 -17.43 23.39 -0.12
C GLU D 157 -16.98 22.42 -1.23
N LEU D 158 -16.89 22.93 -2.47
CA LEU D 158 -16.45 22.19 -3.66
C LEU D 158 -15.07 21.57 -3.36
N TYR D 159 -14.19 22.47 -2.90
CA TYR D 159 -12.82 22.23 -2.52
C TYR D 159 -12.75 21.27 -1.33
N ILE D 160 -13.53 21.55 -0.28
CA ILE D 160 -13.62 20.72 0.91
C ILE D 160 -13.98 19.28 0.54
N GLN D 161 -14.77 19.08 -0.51
CA GLN D 161 -15.12 17.72 -0.92
C GLN D 161 -13.96 17.03 -1.61
N HIS D 162 -13.23 17.74 -2.49
CA HIS D 162 -12.02 17.20 -3.15
C HIS D 162 -10.98 16.84 -2.11
N ALA D 163 -10.84 17.71 -1.11
CA ALA D 163 -9.95 17.53 0.00
C ALA D 163 -10.33 16.23 0.75
N LYS D 164 -11.64 16.00 1.01
CA LYS D 164 -12.13 14.80 1.68
C LYS D 164 -11.83 13.56 0.85
N GLU D 165 -11.83 13.70 -0.51
CA GLU D 165 -11.54 12.61 -1.46
C GLU D 165 -10.07 12.18 -1.38
N ASP D 166 -9.18 13.17 -1.30
CA ASP D 166 -7.73 12.96 -1.22
C ASP D 166 -7.33 12.38 0.14
N GLU D 167 -7.99 12.85 1.22
CA GLU D 167 -7.78 12.35 2.58
C GLU D 167 -8.00 10.84 2.61
N THR D 168 -8.90 10.37 1.74
CA THR D 168 -9.18 8.95 1.62
C THR D 168 -8.03 8.26 0.90
N ARG D 169 -7.62 8.79 -0.25
CA ARG D 169 -6.53 8.18 -0.99
C ARG D 169 -5.23 8.14 -0.24
N TYR D 170 -4.98 9.17 0.61
CA TYR D 170 -3.82 9.26 1.45
C TYR D 170 -3.86 8.07 2.41
N HIS D 171 -4.92 8.01 3.23
CA HIS D 171 -5.09 6.96 4.20
C HIS D 171 -4.86 5.55 3.59
N ASN D 172 -5.28 5.36 2.33
CA ASN D 172 -5.20 4.10 1.59
C ASN D 172 -3.83 3.85 1.12
N GLU D 173 -3.24 4.81 0.35
CA GLU D 173 -1.85 4.73 -0.17
C GLU D 173 -0.90 4.45 1.00
N MET D 174 -1.05 5.26 2.11
CA MET D 174 -0.34 5.10 3.38
C MET D 174 -0.46 3.70 3.99
N LYS D 175 -1.66 3.14 4.10
CA LYS D 175 -1.90 1.82 4.66
C LYS D 175 -1.06 0.73 3.91
N SER D 176 -0.95 0.92 2.58
CA SER D 176 -0.31 0.01 1.65
C SER D 176 1.17 0.14 1.73
N TRP D 177 1.64 1.39 1.61
CA TRP D 177 3.05 1.77 1.73
C TRP D 177 3.59 1.31 3.08
N GLU D 178 2.90 1.64 4.18
CA GLU D 178 3.35 1.15 5.48
C GLU D 178 3.50 -0.42 5.51
N GLU D 179 2.49 -1.15 4.96
CA GLU D 179 2.56 -2.61 4.89
C GLU D 179 3.85 -3.03 4.16
N GLN D 180 4.14 -2.37 3.04
CA GLN D 180 5.31 -2.67 2.22
C GLN D 180 6.54 -2.47 3.04
N MET D 181 6.57 -1.36 3.79
CA MET D 181 7.73 -0.99 4.60
C MET D 181 8.03 -2.03 5.61
N ILE D 182 7.02 -2.51 6.35
CA ILE D 182 7.18 -3.57 7.35
C ILE D 182 7.86 -4.77 6.70
N GLU D 183 7.41 -5.08 5.48
CA GLU D 183 7.84 -6.21 4.70
C GLU D 183 9.23 -6.09 4.20
N VAL D 184 9.70 -4.88 3.90
CA VAL D 184 11.11 -4.65 3.51
C VAL D 184 12.01 -4.32 4.79
N GLY D 185 11.44 -4.51 5.98
CA GLY D 185 12.09 -4.29 7.26
C GLY D 185 12.46 -2.86 7.59
N ARG D 186 11.52 -1.94 7.40
CA ARG D 186 11.71 -0.51 7.66
C ARG D 186 10.56 -0.02 8.51
N LYS D 187 10.27 -0.77 9.64
CA LYS D 187 9.22 -0.39 10.59
C LYS D 187 9.43 1.02 11.12
N ASP D 188 10.69 1.52 11.16
CA ASP D 188 11.09 2.87 11.59
C ASP D 188 10.35 3.98 10.83
N LEU D 189 10.02 3.76 9.53
CA LEU D 189 9.36 4.72 8.69
C LEU D 189 7.84 4.86 8.91
N LEU D 190 7.29 4.06 9.84
CA LEU D 190 5.87 4.07 10.14
C LEU D 190 5.46 5.16 11.10
N ARG D 191 4.21 5.58 11.04
CA ARG D 191 3.71 6.62 11.94
C ARG D 191 3.54 5.98 13.28
N ARG D 192 3.79 6.75 14.32
CA ARG D 192 3.60 6.29 15.69
C ARG D 192 2.11 6.42 16.04
N THR D 193 1.40 7.39 15.43
CA THR D 193 -0.01 7.75 15.65
C THR D 193 -0.76 8.19 14.38
N ILE D 194 -1.85 7.46 14.11
CA ILE D 194 -2.73 7.72 12.98
C ILE D 194 -4.04 8.32 13.54
N LYS D 195 -4.51 9.41 12.90
CA LYS D 195 -5.74 10.14 13.20
C LYS D 195 -6.81 9.54 12.25
N LYS D 196 -7.73 8.72 12.81
CA LYS D 196 -8.82 8.00 12.11
C LYS D 196 -9.53 8.83 11.03
N SER G 3 -0.49 -3.35 -13.43
CA SER G 3 0.51 -2.74 -12.55
C SER G 3 1.48 -3.81 -12.00
N VAL G 4 0.97 -4.73 -11.12
CA VAL G 4 1.76 -5.87 -10.60
C VAL G 4 1.91 -6.77 -11.82
N LEU G 5 0.75 -7.17 -12.38
CA LEU G 5 0.63 -7.98 -13.57
C LEU G 5 1.44 -7.42 -14.72
N ALA G 6 1.50 -6.07 -14.83
CA ALA G 6 2.26 -5.38 -15.87
C ALA G 6 3.73 -5.83 -15.88
N SER G 7 4.35 -5.83 -14.71
CA SER G 7 5.76 -6.20 -14.52
C SER G 7 6.00 -7.72 -14.46
N CYS G 8 4.92 -8.49 -14.36
CA CYS G 8 5.03 -9.92 -14.20
C CYS G 8 5.66 -10.71 -15.36
N PRO G 9 6.61 -11.65 -15.07
CA PRO G 9 7.14 -12.51 -16.15
C PRO G 9 6.04 -13.32 -16.86
N LYS G 10 6.11 -13.38 -18.19
CA LYS G 10 5.13 -14.10 -19.03
C LYS G 10 5.60 -15.53 -19.30
N LYS G 11 4.62 -16.45 -19.46
CA LYS G 11 4.90 -17.86 -19.73
C LYS G 11 5.45 -17.97 -21.12
N PRO G 12 6.35 -18.95 -21.30
CA PRO G 12 7.00 -19.09 -22.60
C PRO G 12 6.09 -19.68 -23.66
N VAL G 13 6.08 -19.10 -24.88
CA VAL G 13 5.26 -19.63 -25.97
C VAL G 13 5.62 -21.11 -26.26
N SER G 14 4.57 -21.92 -26.58
CA SER G 14 4.68 -23.33 -26.97
C SER G 14 5.40 -23.44 -28.36
N SER G 15 5.79 -24.72 -28.68
CA SER G 15 6.43 -25.15 -29.87
C SER G 15 5.75 -24.65 -31.12
N TYR G 16 4.39 -24.71 -31.22
CA TYR G 16 3.76 -24.21 -32.43
C TYR G 16 3.99 -22.67 -32.58
N LEU G 17 3.86 -21.91 -31.50
CA LEU G 17 4.05 -20.48 -31.65
C LEU G 17 5.51 -20.11 -31.81
N ARG G 18 6.43 -20.94 -31.28
CA ARG G 18 7.87 -20.72 -31.42
C ARG G 18 8.15 -20.67 -32.90
N PHE G 19 7.65 -21.69 -33.62
CA PHE G 19 7.74 -21.85 -35.06
C PHE G 19 6.93 -20.77 -35.79
N SER G 20 5.70 -20.56 -35.38
CA SER G 20 4.86 -19.55 -35.98
C SER G 20 5.54 -18.16 -36.01
N LYS G 21 6.26 -17.80 -34.93
CA LYS G 21 6.93 -16.49 -34.80
C LYS G 21 7.88 -16.22 -35.99
N GLU G 22 8.73 -17.21 -36.27
CA GLU G 22 9.75 -17.19 -37.31
C GLU G 22 9.17 -17.26 -38.68
N GLN G 23 8.11 -18.01 -38.82
CA GLN G 23 7.56 -18.18 -40.14
C GLN G 23 6.79 -16.98 -40.59
N LEU G 24 6.06 -16.32 -39.68
CA LEU G 24 5.25 -15.19 -40.08
C LEU G 24 6.00 -14.10 -40.89
N PRO G 25 7.18 -13.60 -40.43
CA PRO G 25 7.92 -12.61 -41.23
C PRO G 25 8.18 -13.06 -42.67
N ILE G 26 8.64 -14.31 -42.80
CA ILE G 26 8.96 -15.01 -44.04
C ILE G 26 7.75 -15.03 -44.96
N PHE G 27 6.59 -15.51 -44.46
CA PHE G 27 5.32 -15.57 -45.16
C PHE G 27 4.78 -14.17 -45.52
N LYS G 28 5.04 -13.15 -44.66
CA LYS G 28 4.61 -11.78 -44.91
C LYS G 28 5.51 -11.09 -45.97
N ALA G 29 6.83 -11.35 -45.91
CA ALA G 29 7.80 -10.80 -46.85
C ALA G 29 7.52 -11.26 -48.29
N GLN G 30 7.27 -12.58 -48.48
CA GLN G 30 7.01 -13.20 -49.78
C GLN G 30 5.54 -13.12 -50.24
N ASN G 31 4.62 -12.70 -49.36
CA ASN G 31 3.20 -12.54 -49.71
C ASN G 31 2.66 -11.25 -49.03
N PRO G 32 3.15 -10.05 -49.45
CA PRO G 32 2.75 -8.81 -48.76
C PRO G 32 1.28 -8.40 -48.77
N ASP G 33 0.52 -8.79 -49.81
CA ASP G 33 -0.90 -8.41 -49.94
C ASP G 33 -1.91 -9.41 -49.38
N ALA G 34 -1.43 -10.53 -48.84
CA ALA G 34 -2.30 -11.53 -48.25
C ALA G 34 -2.62 -11.16 -46.80
N LYS G 35 -3.82 -11.54 -46.32
CA LYS G 35 -4.24 -11.28 -44.95
C LYS G 35 -3.57 -12.20 -43.94
N THR G 36 -3.25 -11.67 -42.75
CA THR G 36 -2.60 -12.38 -41.64
C THR G 36 -3.27 -13.73 -41.32
N THR G 37 -4.60 -13.74 -41.27
CA THR G 37 -5.41 -14.93 -41.01
C THR G 37 -5.10 -16.12 -41.95
N GLU G 38 -4.91 -15.84 -43.24
CA GLU G 38 -4.57 -16.82 -44.27
C GLU G 38 -3.13 -17.31 -44.04
N LEU G 39 -2.19 -16.36 -43.78
CA LEU G 39 -0.78 -16.67 -43.51
C LEU G 39 -0.67 -17.65 -42.32
N ILE G 40 -1.47 -17.41 -41.26
CA ILE G 40 -1.51 -18.25 -40.07
C ILE G 40 -2.03 -19.66 -40.38
N ARG G 41 -3.02 -19.77 -41.28
CA ARG G 41 -3.60 -21.05 -41.68
C ARG G 41 -2.51 -21.88 -42.39
N ARG G 42 -1.70 -21.19 -43.20
CA ARG G 42 -0.58 -21.75 -43.95
C ARG G 42 0.57 -22.20 -43.01
N ILE G 43 0.83 -21.44 -41.94
CA ILE G 43 1.88 -21.77 -40.97
C ILE G 43 1.48 -22.98 -40.14
N ALA G 44 0.19 -23.08 -39.75
CA ALA G 44 -0.32 -24.24 -39.02
C ALA G 44 -0.28 -25.50 -39.94
N GLN G 45 -0.42 -25.26 -41.25
CA GLN G 45 -0.28 -26.26 -42.28
C GLN G 45 1.14 -26.79 -42.18
N ARG G 46 2.13 -25.88 -42.32
CA ARG G 46 3.53 -26.21 -42.26
C ARG G 46 3.87 -26.96 -40.98
N TRP G 47 3.33 -26.48 -39.87
CA TRP G 47 3.55 -27.13 -38.57
C TRP G 47 3.10 -28.59 -38.62
N ARG G 48 1.85 -28.81 -39.05
CA ARG G 48 1.18 -30.10 -39.14
C ARG G 48 1.96 -31.07 -39.99
N GLU G 49 2.48 -30.59 -41.13
CA GLU G 49 3.32 -31.35 -42.09
C GLU G 49 4.70 -31.69 -41.54
N LEU G 50 5.23 -30.81 -40.72
CA LEU G 50 6.56 -30.90 -40.14
C LEU G 50 6.84 -32.21 -39.42
N PRO G 51 7.98 -32.90 -39.72
CA PRO G 51 8.31 -34.18 -39.05
C PRO G 51 8.38 -34.01 -37.55
N ASP G 52 8.16 -35.12 -36.84
CA ASP G 52 8.21 -35.13 -35.36
C ASP G 52 9.58 -34.77 -34.79
N SER G 53 10.66 -35.12 -35.47
CA SER G 53 12.04 -34.78 -35.09
C SER G 53 12.23 -33.29 -35.06
N LYS G 54 11.65 -32.56 -36.06
CA LYS G 54 11.70 -31.09 -36.17
C LYS G 54 10.83 -30.46 -35.08
N LYS G 55 9.60 -31.01 -34.92
CA LYS G 55 8.67 -30.60 -33.88
C LYS G 55 9.40 -30.74 -32.56
N LYS G 56 10.20 -31.81 -32.37
CA LYS G 56 10.91 -32.02 -31.11
C LYS G 56 11.83 -30.89 -30.77
N ILE G 57 12.58 -30.37 -31.74
CA ILE G 57 13.52 -29.26 -31.52
C ILE G 57 12.78 -28.14 -30.85
N TYR G 58 11.62 -27.75 -31.42
CA TYR G 58 10.77 -26.72 -30.83
C TYR G 58 10.31 -27.10 -29.43
N GLN G 59 9.90 -28.36 -29.14
CA GLN G 59 9.50 -28.68 -27.76
C GLN G 59 10.68 -28.54 -26.77
N ASP G 60 11.85 -29.08 -27.15
CA ASP G 60 13.02 -28.92 -26.32
C ASP G 60 13.30 -27.43 -26.00
N ALA G 61 13.02 -26.53 -26.94
CA ALA G 61 13.30 -25.16 -26.63
C ALA G 61 12.36 -24.71 -25.58
N TYR G 62 11.07 -25.01 -25.76
CA TYR G 62 10.04 -24.62 -24.86
C TYR G 62 10.32 -25.20 -23.46
N ARG G 63 10.56 -26.51 -23.36
CA ARG G 63 10.86 -27.15 -22.09
C ARG G 63 11.95 -26.34 -21.32
N ALA G 64 13.11 -26.04 -21.97
CA ALA G 64 14.16 -25.23 -21.35
C ALA G 64 13.69 -23.82 -20.99
N GLU G 65 12.87 -23.27 -21.82
CA GLU G 65 12.34 -21.96 -21.57
C GLU G 65 11.39 -21.94 -20.42
N TRP G 66 10.71 -23.06 -20.15
CA TRP G 66 9.80 -23.22 -19.03
C TRP G 66 10.61 -23.10 -17.71
N GLN G 67 11.75 -23.79 -17.63
CA GLN G 67 12.62 -23.73 -16.45
C GLN G 67 13.12 -22.26 -16.18
N VAL G 68 13.47 -21.57 -17.25
CA VAL G 68 13.80 -20.16 -17.14
C VAL G 68 12.59 -19.41 -16.50
N TYR G 69 11.33 -19.67 -16.99
CA TYR G 69 10.11 -19.03 -16.51
C TYR G 69 9.90 -19.34 -15.02
N LYS G 70 9.99 -20.67 -14.66
CA LYS G 70 9.82 -21.16 -13.31
C LYS G 70 10.62 -20.31 -12.40
N GLU G 71 11.94 -20.20 -12.70
CA GLU G 71 12.92 -19.37 -11.97
C GLU G 71 12.47 -17.90 -11.86
N GLU G 72 12.22 -17.19 -12.97
CA GLU G 72 11.81 -15.78 -13.02
C GLU G 72 10.55 -15.48 -12.23
N ILE G 73 9.58 -16.39 -12.33
CA ILE G 73 8.32 -16.25 -11.58
C ILE G 73 8.47 -16.47 -10.06
N SER G 74 9.39 -17.39 -9.64
CA SER G 74 9.65 -17.67 -8.23
C SER G 74 10.28 -16.44 -7.66
N ARG G 75 11.35 -15.97 -8.34
CA ARG G 75 12.06 -14.77 -7.99
C ARG G 75 11.12 -13.59 -7.90
N PHE G 76 10.28 -13.39 -8.90
CA PHE G 76 9.34 -12.25 -8.89
C PHE G 76 8.41 -12.28 -7.67
N LYS G 77 7.71 -13.39 -7.48
CA LYS G 77 6.78 -13.62 -6.39
C LYS G 77 7.49 -13.51 -5.04
N GLU G 78 8.73 -14.08 -4.90
CA GLU G 78 9.54 -13.96 -3.67
C GLU G 78 9.81 -12.50 -3.29
N GLN G 79 10.05 -11.61 -4.26
CA GLN G 79 10.27 -10.20 -4.01
C GLN G 79 8.96 -9.36 -3.84
N LEU G 80 7.81 -10.02 -3.70
CA LEU G 80 6.53 -9.30 -3.53
C LEU G 80 5.96 -9.41 -2.12
N THR G 81 5.01 -8.55 -1.80
CA THR G 81 4.40 -8.53 -0.49
C THR G 81 3.03 -9.18 -0.53
N PRO G 82 2.59 -9.91 0.54
CA PRO G 82 1.26 -10.50 0.56
C PRO G 82 0.15 -9.78 -0.19
N SER G 83 0.07 -8.46 0.02
CA SER G 83 -0.96 -7.65 -0.62
C SER G 83 -0.74 -7.52 -2.12
N GLN G 84 0.54 -7.37 -2.55
CA GLN G 84 0.86 -7.28 -3.98
C GLN G 84 0.45 -8.59 -4.68
N ILE G 85 0.70 -9.75 -4.01
CA ILE G 85 0.36 -11.06 -4.52
C ILE G 85 -1.16 -11.15 -4.75
N MET G 86 -1.95 -10.80 -3.70
CA MET G 86 -3.41 -10.79 -3.81
C MET G 86 -3.84 -9.79 -4.88
N SER G 87 -3.11 -8.65 -4.99
CA SER G 87 -3.38 -7.64 -6.01
C SER G 87 -3.24 -8.30 -7.40
N LEU G 88 -2.15 -9.07 -7.59
CA LEU G 88 -1.87 -9.84 -8.80
C LEU G 88 -2.98 -10.85 -9.06
N GLU G 89 -3.36 -11.64 -8.03
CA GLU G 89 -4.46 -12.60 -8.13
C GLU G 89 -5.77 -11.89 -8.60
N LYS G 90 -6.08 -10.70 -8.00
CA LYS G 90 -7.25 -9.84 -8.31
C LYS G 90 -7.17 -9.33 -9.74
N GLU G 91 -6.02 -8.77 -10.16
CA GLU G 91 -5.76 -8.27 -11.50
C GLU G 91 -6.08 -9.34 -12.54
N ILE G 92 -5.69 -10.58 -12.25
CA ILE G 92 -5.95 -11.72 -13.12
C ILE G 92 -7.44 -12.06 -13.11
N MET G 93 -8.07 -12.21 -11.89
CA MET G 93 -9.50 -12.47 -11.76
C MET G 93 -10.27 -11.42 -12.57
N ASP G 94 -9.95 -10.12 -12.37
CA ASP G 94 -10.56 -8.96 -13.03
C ASP G 94 -10.44 -9.01 -14.55
N LYS G 95 -9.23 -9.29 -15.04
CA LYS G 95 -8.98 -9.40 -16.46
C LYS G 95 -9.81 -10.52 -17.05
N HIS G 96 -9.95 -11.61 -16.32
CA HIS G 96 -10.74 -12.74 -16.76
C HIS G 96 -12.25 -12.43 -16.81
N LEU G 97 -12.80 -11.83 -15.74
CA LEU G 97 -14.20 -11.42 -15.66
C LEU G 97 -14.56 -10.36 -16.68
N LYS G 98 -13.61 -9.43 -17.01
CA LYS G 98 -13.80 -8.40 -18.05
C LYS G 98 -14.00 -9.05 -19.40
N ARG G 99 -13.26 -10.13 -19.65
CA ARG G 99 -13.35 -10.88 -20.90
C ARG G 99 -14.64 -11.68 -20.95
N LYS G 100 -15.04 -12.33 -19.84
CA LYS G 100 -16.27 -13.10 -19.79
C LYS G 100 -17.44 -12.19 -20.11
N ALA G 101 -17.41 -10.97 -19.53
CA ALA G 101 -18.39 -9.91 -19.67
C ALA G 101 -18.51 -9.48 -21.12
N MET G 102 -17.38 -9.16 -21.76
CA MET G 102 -17.33 -8.72 -23.15
C MET G 102 -17.93 -9.75 -24.12
N THR G 103 -17.73 -11.01 -23.78
CA THR G 103 -18.23 -12.16 -24.53
C THR G 103 -19.76 -12.31 -24.38
N LYS G 104 -20.28 -12.05 -23.17
CA LYS G 104 -21.69 -12.12 -22.87
C LYS G 104 -22.35 -11.01 -23.68
N LYS G 105 -21.78 -9.77 -23.67
CA LYS G 105 -22.31 -8.65 -24.46
C LYS G 105 -22.43 -9.03 -25.94
N LYS G 106 -21.34 -9.49 -26.55
CA LYS G 106 -21.34 -9.91 -27.96
C LYS G 106 -22.42 -10.91 -28.29
N GLU G 107 -22.56 -11.98 -27.44
CA GLU G 107 -23.55 -13.05 -27.57
C GLU G 107 -24.91 -12.43 -27.64
N LEU G 108 -25.22 -11.56 -26.66
CA LEU G 108 -26.50 -10.86 -26.57
C LEU G 108 -26.79 -10.07 -27.79
N THR G 109 -25.84 -9.24 -28.21
CA THR G 109 -25.94 -8.44 -29.40
C THR G 109 -26.24 -9.32 -30.63
N LEU G 110 -25.50 -10.45 -30.75
CA LEU G 110 -25.68 -11.42 -31.83
C LEU G 110 -27.08 -12.05 -31.78
N LEU G 111 -27.59 -12.36 -30.56
CA LEU G 111 -28.94 -12.92 -30.42
C LEU G 111 -30.01 -11.81 -30.55
N GLY G 112 -29.57 -10.60 -30.90
CA GLY G 112 -30.43 -9.44 -31.11
C GLY G 112 -31.34 -9.13 -29.94
N LYS G 113 -30.74 -8.90 -28.75
CA LYS G 113 -31.47 -8.52 -27.55
C LYS G 113 -31.88 -7.05 -27.67
N PRO G 114 -33.14 -6.72 -27.33
CA PRO G 114 -33.59 -5.31 -27.44
C PRO G 114 -32.79 -4.32 -26.61
N LYS G 115 -32.73 -3.03 -27.07
CA LYS G 115 -32.08 -1.97 -26.27
C LYS G 115 -32.94 -1.71 -25.02
N ARG G 116 -32.34 -1.16 -23.93
CA ARG G 116 -33.13 -0.90 -22.72
C ARG G 116 -34.02 0.31 -23.00
N PRO G 117 -35.08 0.56 -22.21
CA PRO G 117 -35.92 1.73 -22.51
C PRO G 117 -35.17 3.02 -22.29
N ARG G 118 -35.30 3.93 -23.26
CA ARG G 118 -34.70 5.26 -23.29
C ARG G 118 -35.50 6.15 -22.32
N SER G 119 -34.79 6.91 -21.48
CA SER G 119 -35.37 7.80 -20.48
C SER G 119 -35.79 9.07 -21.18
N ALA G 120 -36.60 9.92 -20.49
CA ALA G 120 -37.00 11.21 -21.04
C ALA G 120 -35.72 11.97 -21.41
N TYR G 121 -34.75 11.99 -20.48
CA TYR G 121 -33.46 12.62 -20.71
C TYR G 121 -32.74 12.09 -21.93
N ASN G 122 -32.77 10.75 -22.15
CA ASN G 122 -32.15 10.11 -23.32
C ASN G 122 -32.73 10.75 -24.58
N VAL G 123 -34.11 10.86 -24.62
CA VAL G 123 -34.86 11.46 -25.75
C VAL G 123 -34.41 12.89 -25.96
N TYR G 124 -34.26 13.62 -24.85
CA TYR G 124 -33.80 14.99 -24.92
C TYR G 124 -32.41 15.05 -25.58
N VAL G 125 -31.47 14.22 -25.09
CA VAL G 125 -30.09 14.16 -25.64
C VAL G 125 -30.06 13.82 -27.16
N ALA G 126 -30.90 12.85 -27.57
CA ALA G 126 -31.00 12.45 -28.97
C ALA G 126 -31.35 13.64 -29.86
N GLU G 127 -32.42 14.41 -29.47
CA GLU G 127 -32.97 15.57 -30.17
C GLU G 127 -32.08 16.79 -30.19
N ARG G 128 -31.59 17.18 -29.00
CA ARG G 128 -30.84 18.39 -28.77
C ARG G 128 -29.33 18.36 -29.07
N PHE G 129 -28.70 17.16 -29.10
CA PHE G 129 -27.24 17.06 -29.27
C PHE G 129 -26.63 17.83 -30.43
N GLN G 130 -27.07 17.53 -31.66
CA GLN G 130 -26.56 18.13 -32.90
C GLN G 130 -26.37 19.62 -32.81
N GLU G 131 -27.40 20.31 -32.30
CA GLU G 131 -27.45 21.75 -32.20
C GLU G 131 -26.81 22.39 -30.98
N ALA G 132 -26.42 21.59 -29.98
CA ALA G 132 -25.79 22.11 -28.77
C ALA G 132 -24.47 22.84 -29.02
N LYS G 133 -24.28 23.91 -28.25
CA LYS G 133 -23.11 24.78 -28.29
C LYS G 133 -21.93 24.04 -27.64
N GLY G 134 -20.79 24.05 -28.33
CA GLY G 134 -19.57 23.41 -27.87
C GLY G 134 -18.78 22.78 -28.99
N ASP G 135 -17.46 22.71 -28.81
CA ASP G 135 -16.60 22.13 -29.84
C ASP G 135 -16.61 20.59 -29.77
N SER G 136 -16.09 20.05 -28.66
CA SER G 136 -15.99 18.64 -28.40
C SER G 136 -17.34 18.04 -28.02
N PRO G 137 -17.61 16.72 -28.31
CA PRO G 137 -18.89 16.13 -27.86
C PRO G 137 -19.06 16.21 -26.34
N GLN G 138 -17.93 16.29 -25.60
CA GLN G 138 -17.89 16.45 -24.15
C GLN G 138 -18.53 17.76 -23.75
N GLU G 139 -18.17 18.85 -24.46
CA GLU G 139 -18.70 20.19 -24.21
C GLU G 139 -20.15 20.29 -24.63
N LYS G 140 -20.51 19.61 -25.76
CA LYS G 140 -21.87 19.59 -26.31
C LYS G 140 -22.84 18.90 -25.38
N LEU G 141 -22.36 17.90 -24.59
CA LEU G 141 -23.19 17.19 -23.61
C LEU G 141 -23.46 18.11 -22.43
N LYS G 142 -22.39 18.75 -21.90
CA LYS G 142 -22.41 19.69 -20.78
C LYS G 142 -23.51 20.73 -21.00
N THR G 143 -23.67 21.18 -22.26
CA THR G 143 -24.67 22.15 -22.73
C THR G 143 -26.07 21.58 -22.58
N VAL G 144 -26.29 20.40 -23.20
CA VAL G 144 -27.57 19.67 -23.19
C VAL G 144 -28.00 19.40 -21.72
N LYS G 145 -27.06 18.88 -20.89
CA LYS G 145 -27.24 18.59 -19.47
C LYS G 145 -27.78 19.84 -18.74
N GLU G 146 -27.16 21.00 -19.01
CA GLU G 146 -27.53 22.28 -18.41
C GLU G 146 -28.94 22.72 -18.77
N ASN G 147 -29.29 22.69 -20.05
CA ASN G 147 -30.62 23.06 -20.49
C ASN G 147 -31.67 22.16 -19.85
N TRP G 148 -31.39 20.84 -19.83
CA TRP G 148 -32.27 19.80 -19.27
C TRP G 148 -32.64 20.10 -17.82
N LYS G 149 -31.65 20.54 -17.02
CA LYS G 149 -31.82 20.89 -15.62
C LYS G 149 -32.85 22.02 -15.46
N ASN G 150 -32.83 23.00 -16.40
CA ASN G 150 -33.68 24.19 -16.40
C ASN G 150 -35.05 24.01 -17.12
N LEU G 151 -35.41 22.77 -17.42
CA LEU G 151 -36.64 22.46 -18.16
C LEU G 151 -37.90 22.56 -17.37
N SER G 152 -38.87 23.28 -17.97
CA SER G 152 -40.23 23.45 -17.48
C SER G 152 -40.86 22.07 -17.62
N ASP G 153 -41.51 21.55 -16.55
CA ASP G 153 -42.20 20.26 -16.60
C ASP G 153 -43.26 20.20 -17.70
N SER G 154 -43.60 21.37 -18.26
CA SER G 154 -44.45 21.54 -19.42
C SER G 154 -43.62 21.02 -20.64
N GLU G 155 -42.35 21.53 -20.82
CA GLU G 155 -41.49 21.08 -21.92
C GLU G 155 -41.03 19.62 -21.72
N LYS G 156 -40.58 19.27 -20.49
CA LYS G 156 -40.14 17.94 -20.05
C LYS G 156 -41.14 16.81 -20.37
N GLU G 157 -42.42 17.15 -20.42
CA GLU G 157 -43.53 16.24 -20.68
C GLU G 157 -43.54 15.58 -22.05
N LEU G 158 -43.10 16.32 -23.10
CA LEU G 158 -42.97 15.85 -24.50
C LEU G 158 -42.12 14.59 -24.50
N TYR G 159 -40.95 14.73 -23.87
CA TYR G 159 -39.92 13.75 -23.68
C TYR G 159 -40.44 12.59 -22.83
N ILE G 160 -41.10 12.89 -21.69
CA ILE G 160 -41.67 11.90 -20.79
C ILE G 160 -42.68 11.04 -21.56
N GLN G 161 -43.36 11.61 -22.55
CA GLN G 161 -44.32 10.81 -23.32
C GLN G 161 -43.61 9.88 -24.28
N HIS G 162 -42.53 10.35 -24.95
CA HIS G 162 -41.71 9.50 -25.83
C HIS G 162 -41.09 8.39 -25.03
N ALA G 163 -40.61 8.72 -23.83
CA ALA G 163 -40.05 7.78 -22.88
C ALA G 163 -41.10 6.71 -22.54
N LYS G 164 -42.38 7.10 -22.26
CA LYS G 164 -43.50 6.18 -21.97
C LYS G 164 -43.78 5.31 -23.19
N GLU G 165 -43.55 5.83 -24.42
CA GLU G 165 -43.75 5.13 -25.69
C GLU G 165 -42.70 4.05 -25.86
N ASP G 166 -41.43 4.36 -25.53
CA ASP G 166 -40.29 3.44 -25.61
C ASP G 166 -40.41 2.35 -24.56
N GLU G 167 -40.86 2.69 -23.35
CA GLU G 167 -41.09 1.75 -22.25
C GLU G 167 -42.07 0.66 -22.71
N THR G 168 -42.98 1.03 -23.62
CA THR G 168 -43.94 0.10 -24.18
C THR G 168 -43.23 -0.79 -25.17
N ARG G 169 -42.49 -0.22 -26.13
CA ARG G 169 -41.77 -1.01 -27.13
C ARG G 169 -40.77 -1.95 -26.52
N TYR G 170 -40.12 -1.55 -25.40
CA TYR G 170 -39.18 -2.36 -24.68
C TYR G 170 -39.93 -3.56 -24.16
N HIS G 171 -40.95 -3.35 -23.32
CA HIS G 171 -41.78 -4.41 -22.76
C HIS G 171 -42.25 -5.43 -23.82
N ASN G 172 -42.59 -4.92 -25.02
CA ASN G 172 -43.07 -5.71 -26.14
C ASN G 172 -41.96 -6.45 -26.78
N GLU G 173 -40.87 -5.74 -27.23
CA GLU G 173 -39.67 -6.36 -27.83
C GLU G 173 -39.16 -7.42 -26.87
N MET G 174 -39.15 -7.05 -25.59
CA MET G 174 -38.73 -7.94 -24.52
C MET G 174 -39.53 -9.21 -24.40
N LYS G 175 -40.88 -9.13 -24.46
CA LYS G 175 -41.83 -10.25 -24.38
C LYS G 175 -41.58 -11.24 -25.53
N SER G 176 -41.25 -10.69 -26.73
CA SER G 176 -40.97 -11.40 -27.97
C SER G 176 -39.64 -12.07 -27.90
N TRP G 177 -38.58 -11.30 -27.60
CA TRP G 177 -37.23 -11.80 -27.50
C TRP G 177 -37.16 -12.89 -26.45
N GLU G 178 -37.80 -12.70 -25.30
CA GLU G 178 -37.80 -13.73 -24.25
C GLU G 178 -38.49 -14.99 -24.72
N GLU G 179 -39.62 -14.85 -25.46
CA GLU G 179 -40.34 -16.00 -26.04
C GLU G 179 -39.42 -16.74 -27.01
N GLN G 180 -38.77 -16.01 -27.93
CA GLN G 180 -37.81 -16.54 -28.89
C GLN G 180 -36.73 -17.35 -28.17
N MET G 181 -36.17 -16.79 -27.05
CA MET G 181 -35.10 -17.40 -26.24
C MET G 181 -35.50 -18.69 -25.56
N ILE G 182 -36.79 -18.83 -25.21
CA ILE G 182 -37.31 -20.06 -24.63
C ILE G 182 -37.33 -21.12 -25.74
N GLU G 183 -37.78 -20.69 -26.93
CA GLU G 183 -37.92 -21.50 -28.12
C GLU G 183 -36.62 -21.98 -28.69
N VAL G 184 -35.54 -21.18 -28.58
CA VAL G 184 -34.20 -21.60 -29.03
C VAL G 184 -33.40 -22.24 -27.86
N GLY G 185 -34.11 -22.50 -26.74
CA GLY G 185 -33.58 -23.11 -25.53
C GLY G 185 -32.51 -22.33 -24.81
N ARG G 186 -32.78 -21.03 -24.58
CA ARG G 186 -31.88 -20.12 -23.87
C ARG G 186 -32.65 -19.43 -22.75
N LYS G 187 -33.39 -20.22 -21.95
CA LYS G 187 -34.17 -19.71 -20.81
C LYS G 187 -33.27 -18.97 -19.84
N ASP G 188 -31.97 -19.33 -19.79
CA ASP G 188 -30.94 -18.71 -18.94
C ASP G 188 -30.88 -17.17 -19.10
N LEU G 189 -31.08 -16.68 -20.34
CA LEU G 189 -31.02 -15.28 -20.72
C LEU G 189 -32.24 -14.45 -20.31
N LEU G 190 -33.19 -15.05 -19.61
CA LEU G 190 -34.42 -14.37 -19.20
C LEU G 190 -34.23 -13.54 -17.94
N ARG G 191 -35.09 -12.49 -17.75
CA ARG G 191 -35.08 -11.67 -16.55
C ARG G 191 -35.57 -12.51 -15.41
N ARG G 192 -35.00 -12.31 -14.22
CA ARG G 192 -35.44 -13.01 -13.01
C ARG G 192 -36.59 -12.21 -12.42
N THR G 193 -36.63 -10.86 -12.68
CA THR G 193 -37.65 -9.91 -12.18
C THR G 193 -38.04 -8.80 -13.18
N ILE G 194 -39.34 -8.77 -13.52
CA ILE G 194 -39.96 -7.77 -14.41
C ILE G 194 -40.85 -6.86 -13.51
N LYS G 195 -40.77 -5.51 -13.69
CA LYS G 195 -41.58 -4.57 -12.90
C LYS G 195 -41.62 -3.19 -13.55
N SER J 3 -14.53 -15.21 6.69
CA SER J 3 -13.56 -14.87 7.73
C SER J 3 -13.44 -13.33 7.92
N VAL J 4 -12.92 -12.60 6.88
CA VAL J 4 -12.86 -11.12 6.90
C VAL J 4 -14.32 -10.74 6.69
N LEU J 5 -14.91 -11.25 5.59
CA LEU J 5 -16.32 -11.08 5.24
C LEU J 5 -17.24 -11.44 6.41
N ALA J 6 -16.87 -12.46 7.19
CA ALA J 6 -17.63 -12.89 8.37
C ALA J 6 -17.83 -11.75 9.35
N SER J 7 -16.75 -11.02 9.68
CA SER J 7 -16.79 -9.88 10.63
C SER J 7 -17.30 -8.57 9.99
N CYS J 8 -17.48 -8.57 8.67
CA CYS J 8 -17.87 -7.37 7.96
C CYS J 8 -19.24 -6.82 8.31
N PRO J 9 -19.41 -5.49 8.59
CA PRO J 9 -20.76 -4.93 8.81
C PRO J 9 -21.70 -5.24 7.65
N LYS J 10 -22.91 -5.77 7.98
CA LYS J 10 -23.92 -6.08 6.93
C LYS J 10 -24.84 -4.86 6.74
N LYS J 11 -25.37 -4.65 5.52
CA LYS J 11 -26.26 -3.52 5.31
C LYS J 11 -27.50 -3.66 6.20
N PRO J 12 -28.03 -2.54 6.78
CA PRO J 12 -29.26 -2.69 7.57
C PRO J 12 -30.43 -3.19 6.72
N VAL J 13 -31.32 -3.95 7.37
CA VAL J 13 -32.57 -4.44 6.79
C VAL J 13 -33.56 -3.31 6.51
N SER J 14 -34.32 -3.45 5.41
CA SER J 14 -35.34 -2.47 5.01
C SER J 14 -36.54 -2.47 5.98
N SER J 15 -37.35 -1.40 5.91
CA SER J 15 -38.59 -1.20 6.66
C SER J 15 -39.37 -2.50 6.72
N TYR J 16 -39.80 -3.01 5.58
CA TYR J 16 -40.53 -4.30 5.57
C TYR J 16 -39.78 -5.48 6.30
N LEU J 17 -38.47 -5.66 6.03
CA LEU J 17 -37.77 -6.76 6.68
C LEU J 17 -37.62 -6.53 8.17
N ARG J 18 -37.57 -5.22 8.57
CA ARG J 18 -37.45 -4.76 9.95
C ARG J 18 -38.68 -5.23 10.65
N PHE J 19 -39.87 -4.81 10.15
CA PHE J 19 -41.20 -5.23 10.58
C PHE J 19 -41.27 -6.75 10.65
N SER J 20 -41.03 -7.47 9.53
CA SER J 20 -41.05 -8.94 9.46
C SER J 20 -40.23 -9.65 10.55
N LYS J 21 -39.23 -8.96 11.13
CA LYS J 21 -38.38 -9.60 12.12
C LYS J 21 -39.12 -9.94 13.38
N GLU J 22 -39.93 -9.03 13.90
CA GLU J 22 -40.70 -9.37 15.09
C GLU J 22 -42.06 -10.03 14.72
N GLN J 23 -42.63 -9.68 13.57
CA GLN J 23 -43.92 -10.19 13.08
C GLN J 23 -43.86 -11.64 12.68
N LEU J 24 -42.65 -12.18 12.37
CA LEU J 24 -42.54 -13.60 12.07
C LEU J 24 -42.74 -14.45 13.36
N PRO J 25 -42.04 -14.18 14.52
CA PRO J 25 -42.30 -14.96 15.75
C PRO J 25 -43.76 -15.01 16.13
N ILE J 26 -44.41 -13.83 16.08
CA ILE J 26 -45.83 -13.63 16.36
C ILE J 26 -46.71 -14.56 15.51
N PHE J 27 -46.52 -14.55 14.19
CA PHE J 27 -47.28 -15.41 13.30
C PHE J 27 -46.94 -16.88 13.49
N LYS J 28 -45.64 -17.20 13.70
CA LYS J 28 -45.18 -18.57 13.95
C LYS J 28 -45.78 -19.10 15.26
N ALA J 29 -45.87 -18.26 16.32
CA ALA J 29 -46.45 -18.66 17.60
C ALA J 29 -47.94 -19.06 17.45
N GLN J 30 -48.70 -18.36 16.59
CA GLN J 30 -50.12 -18.59 16.35
C GLN J 30 -50.45 -19.75 15.41
N ASN J 31 -49.56 -20.05 14.43
CA ASN J 31 -49.78 -21.15 13.46
C ASN J 31 -48.50 -22.00 13.41
N PRO J 32 -48.16 -22.71 14.53
CA PRO J 32 -46.86 -23.43 14.59
C PRO J 32 -46.48 -24.40 13.47
N ASP J 33 -47.48 -25.05 12.88
CA ASP J 33 -47.21 -25.99 11.80
C ASP J 33 -47.52 -25.49 10.39
N ALA J 34 -47.69 -24.17 10.26
CA ALA J 34 -47.89 -23.52 8.95
C ALA J 34 -46.53 -23.31 8.32
N LYS J 35 -46.49 -23.29 6.97
CA LYS J 35 -45.27 -23.13 6.17
C LYS J 35 -44.76 -21.67 6.20
N THR J 36 -43.43 -21.49 6.37
CA THR J 36 -42.76 -20.19 6.46
C THR J 36 -43.11 -19.30 5.26
N THR J 37 -43.11 -19.87 4.05
CA THR J 37 -43.44 -19.19 2.79
C THR J 37 -44.83 -18.50 2.81
N GLU J 38 -45.86 -19.15 3.35
CA GLU J 38 -47.19 -18.55 3.46
C GLU J 38 -47.16 -17.48 4.59
N LEU J 39 -46.49 -17.76 5.77
CA LEU J 39 -46.34 -16.76 6.84
C LEU J 39 -45.78 -15.46 6.27
N ILE J 40 -44.76 -15.55 5.40
CA ILE J 40 -44.12 -14.42 4.71
C ILE J 40 -45.11 -13.66 3.81
N ARG J 41 -45.99 -14.40 3.05
CA ARG J 41 -47.04 -13.81 2.18
C ARG J 41 -48.01 -13.02 3.04
N ARG J 42 -48.35 -13.60 4.21
CA ARG J 42 -49.25 -13.05 5.21
C ARG J 42 -48.67 -11.79 5.85
N ILE J 43 -47.38 -11.86 6.24
CA ILE J 43 -46.65 -10.76 6.84
C ILE J 43 -46.62 -9.66 5.82
N ALA J 44 -46.42 -10.03 4.54
CA ALA J 44 -46.37 -9.08 3.42
C ALA J 44 -47.72 -8.38 3.23
N GLN J 45 -48.84 -9.17 3.43
CA GLN J 45 -50.22 -8.70 3.41
C GLN J 45 -50.36 -7.68 4.56
N ARG J 46 -50.02 -8.10 5.83
CA ARG J 46 -50.05 -7.23 7.00
C ARG J 46 -49.29 -5.97 6.71
N TRP J 47 -48.07 -6.09 6.15
CA TRP J 47 -47.25 -4.94 5.78
C TRP J 47 -48.01 -4.01 4.83
N ARG J 48 -48.57 -4.57 3.74
CA ARG J 48 -49.32 -3.87 2.69
C ARG J 48 -50.53 -3.15 3.26
N GLU J 49 -51.27 -3.83 4.18
CA GLU J 49 -52.43 -3.28 4.89
C GLU J 49 -52.07 -2.16 5.89
N LEU J 50 -50.88 -2.28 6.51
CA LEU J 50 -50.35 -1.36 7.50
C LEU J 50 -50.39 0.11 7.05
N PRO J 51 -50.91 1.02 7.90
CA PRO J 51 -50.91 2.45 7.53
C PRO J 51 -49.50 2.97 7.25
N ASP J 52 -49.43 4.02 6.43
CA ASP J 52 -48.18 4.66 6.05
C ASP J 52 -47.43 5.23 7.25
N SER J 53 -48.19 5.76 8.27
CA SER J 53 -47.65 6.33 9.52
C SER J 53 -46.83 5.28 10.28
N LYS J 54 -47.33 4.03 10.33
CA LYS J 54 -46.69 2.89 10.96
C LYS J 54 -45.46 2.49 10.16
N LYS J 55 -45.65 2.32 8.85
CA LYS J 55 -44.61 2.04 7.86
C LYS J 55 -43.51 3.06 8.08
N LYS J 56 -43.84 4.37 8.25
CA LYS J 56 -42.84 5.39 8.44
C LYS J 56 -41.92 5.10 9.59
N ILE J 57 -42.45 4.63 10.74
CA ILE J 57 -41.64 4.31 11.91
C ILE J 57 -40.50 3.40 11.51
N TYR J 58 -40.82 2.34 10.81
CA TYR J 58 -39.85 1.39 10.30
C TYR J 58 -38.88 2.05 9.35
N GLN J 59 -39.38 2.84 8.35
CA GLN J 59 -38.56 3.58 7.39
C GLN J 59 -37.57 4.51 8.16
N ASP J 60 -38.08 5.28 9.13
CA ASP J 60 -37.26 6.14 9.96
C ASP J 60 -36.06 5.44 10.63
N ALA J 61 -36.26 4.20 11.10
CA ALA J 61 -35.23 3.41 11.75
C ALA J 61 -34.16 3.03 10.78
N TYR J 62 -34.61 2.54 9.61
CA TYR J 62 -33.73 2.13 8.56
C TYR J 62 -32.85 3.32 8.15
N ARG J 63 -33.49 4.50 7.89
CA ARG J 63 -32.80 5.74 7.51
C ARG J 63 -31.66 6.08 8.43
N ALA J 64 -31.94 5.99 9.73
CA ALA J 64 -30.98 6.18 10.81
C ALA J 64 -29.90 5.07 10.79
N GLU J 65 -30.33 3.81 10.66
CA GLU J 65 -29.43 2.67 10.63
C GLU J 65 -28.48 2.67 9.47
N TRP J 66 -28.90 3.26 8.31
CA TRP J 66 -28.08 3.39 7.12
C TRP J 66 -26.88 4.27 7.46
N GLN J 67 -27.17 5.37 8.20
CA GLN J 67 -26.16 6.31 8.65
C GLN J 67 -25.08 5.64 9.48
N VAL J 68 -25.49 4.76 10.41
CA VAL J 68 -24.55 3.99 11.22
C VAL J 68 -23.76 3.05 10.30
N TYR J 69 -24.46 2.38 9.38
CA TYR J 69 -23.86 1.47 8.39
C TYR J 69 -22.72 2.15 7.67
N LYS J 70 -23.01 3.34 7.09
CA LYS J 70 -22.04 4.14 6.35
C LYS J 70 -20.80 4.26 7.20
N GLU J 71 -20.99 4.73 8.46
CA GLU J 71 -19.93 4.95 9.43
C GLU J 71 -19.19 3.69 9.78
N GLU J 72 -19.94 2.64 10.08
CA GLU J 72 -19.36 1.37 10.45
C GLU J 72 -18.61 0.68 9.38
N ILE J 73 -19.03 0.79 8.10
CA ILE J 73 -18.25 0.16 7.03
C ILE J 73 -16.96 0.94 6.71
N SER J 74 -17.00 2.32 6.82
CA SER J 74 -15.85 3.21 6.63
C SER J 74 -14.79 2.87 7.63
N ARG J 75 -15.18 2.87 8.90
CA ARG J 75 -14.33 2.45 10.00
C ARG J 75 -13.75 1.05 9.74
N PHE J 76 -14.59 0.05 9.34
CA PHE J 76 -14.14 -1.31 9.10
C PHE J 76 -13.04 -1.37 8.05
N LYS J 77 -13.34 -0.81 6.88
CA LYS J 77 -12.45 -0.77 5.75
C LYS J 77 -11.17 0.00 6.10
N GLU J 78 -11.28 1.14 6.85
CA GLU J 78 -10.13 1.94 7.30
C GLU J 78 -9.19 1.13 8.18
N GLN J 79 -9.74 0.41 9.17
CA GLN J 79 -8.99 -0.42 10.08
C GLN J 79 -8.32 -1.61 9.39
N LEU J 80 -8.95 -2.19 8.38
CA LEU J 80 -8.37 -3.39 7.77
C LEU J 80 -7.03 -3.16 7.17
N THR J 81 -6.15 -4.17 7.13
CA THR J 81 -4.83 -4.03 6.50
C THR J 81 -4.93 -4.33 5.01
N PRO J 82 -4.14 -3.73 4.11
CA PRO J 82 -4.32 -4.02 2.68
C PRO J 82 -4.59 -5.46 2.35
N SER J 83 -3.82 -6.38 2.93
CA SER J 83 -3.96 -7.81 2.69
C SER J 83 -5.35 -8.28 3.09
N GLN J 84 -5.87 -7.81 4.24
CA GLN J 84 -7.24 -8.09 4.69
C GLN J 84 -8.25 -7.53 3.65
N ILE J 85 -8.07 -6.25 3.21
CA ILE J 85 -8.95 -5.71 2.17
C ILE J 85 -9.04 -6.57 0.88
N MET J 86 -7.91 -7.01 0.39
CA MET J 86 -7.80 -7.86 -0.78
C MET J 86 -8.41 -9.21 -0.54
N SER J 87 -8.18 -9.73 0.66
CA SER J 87 -8.78 -10.98 1.07
C SER J 87 -10.34 -10.82 1.02
N LEU J 88 -10.86 -9.74 1.62
CA LEU J 88 -12.27 -9.42 1.61
C LEU J 88 -12.85 -9.32 0.20
N GLU J 89 -12.28 -8.52 -0.70
CA GLU J 89 -12.76 -8.37 -2.08
C GLU J 89 -12.74 -9.71 -2.81
N LYS J 90 -11.68 -10.54 -2.56
CA LYS J 90 -11.55 -11.89 -3.13
C LYS J 90 -12.69 -12.79 -2.64
N GLU J 91 -12.94 -12.83 -1.30
CA GLU J 91 -14.02 -13.57 -0.66
C GLU J 91 -15.35 -13.26 -1.35
N ILE J 92 -15.61 -11.96 -1.66
CA ILE J 92 -16.80 -11.50 -2.36
C ILE J 92 -16.80 -11.97 -3.83
N MET J 93 -15.69 -11.74 -4.58
CA MET J 93 -15.56 -12.19 -5.97
C MET J 93 -15.82 -13.67 -6.04
N ASP J 94 -15.19 -14.46 -5.13
CA ASP J 94 -15.32 -15.91 -5.02
C ASP J 94 -16.74 -16.36 -4.76
N LYS J 95 -17.42 -15.71 -3.84
CA LYS J 95 -18.83 -16.00 -3.52
C LYS J 95 -19.70 -15.78 -4.77
N HIS J 96 -19.39 -14.75 -5.53
CA HIS J 96 -20.11 -14.45 -6.75
C HIS J 96 -19.86 -15.51 -7.88
N LEU J 97 -18.60 -15.86 -8.14
CA LEU J 97 -18.20 -16.89 -9.10
C LEU J 97 -18.74 -18.25 -8.72
N LYS J 98 -18.82 -18.59 -7.39
CA LYS J 98 -19.37 -19.85 -6.89
C LYS J 98 -20.82 -19.98 -7.28
N ARG J 99 -21.56 -18.88 -7.23
CA ARG J 99 -22.96 -18.85 -7.58
C ARG J 99 -23.13 -18.98 -9.11
N LYS J 100 -22.31 -18.26 -9.88
CA LYS J 100 -22.40 -18.32 -11.33
C LYS J 100 -22.17 -19.75 -11.80
N ALA J 101 -21.18 -20.40 -11.17
CA ALA J 101 -20.74 -21.76 -11.42
C ALA J 101 -21.84 -22.72 -11.15
N MET J 102 -22.47 -22.64 -9.96
CA MET J 102 -23.56 -23.52 -9.56
C MET J 102 -24.72 -23.48 -10.53
N THR J 103 -24.98 -22.31 -11.08
CA THR J 103 -26.03 -22.07 -12.05
C THR J 103 -25.73 -22.72 -13.45
N LYS J 104 -24.45 -22.63 -13.87
CA LYS J 104 -23.98 -23.22 -15.11
C LYS J 104 -24.06 -24.73 -14.98
N LYS J 105 -23.63 -25.29 -13.83
CA LYS J 105 -23.71 -26.72 -13.55
C LYS J 105 -25.13 -27.20 -13.69
N LYS J 106 -26.10 -26.54 -12.98
CA LYS J 106 -27.53 -26.88 -13.04
C LYS J 106 -28.05 -26.95 -14.45
N GLU J 107 -27.75 -25.89 -15.28
CA GLU J 107 -28.17 -25.81 -16.67
C GLU J 107 -27.70 -27.05 -17.41
N LEU J 108 -26.40 -27.38 -17.30
CA LEU J 108 -25.80 -28.54 -17.93
C LEU J 108 -26.48 -29.79 -17.50
N THR J 109 -26.63 -29.99 -16.18
CA THR J 109 -27.33 -31.13 -15.60
C THR J 109 -28.75 -31.27 -16.17
N LEU J 110 -29.47 -30.12 -16.28
CA LEU J 110 -30.82 -30.06 -16.86
C LEU J 110 -30.79 -30.48 -18.30
N LEU J 111 -29.82 -30.01 -19.09
CA LEU J 111 -29.72 -30.47 -20.48
C LEU J 111 -29.04 -31.87 -20.60
N GLY J 112 -28.96 -32.58 -19.47
CA GLY J 112 -28.40 -33.92 -19.37
C GLY J 112 -27.05 -34.13 -20.04
N LYS J 113 -26.04 -33.37 -19.64
CA LYS J 113 -24.69 -33.51 -20.15
C LYS J 113 -24.04 -34.76 -19.51
N PRO J 114 -23.37 -35.60 -20.31
CA PRO J 114 -22.72 -36.82 -19.76
C PRO J 114 -21.71 -36.57 -18.66
N LYS J 115 -21.50 -37.48 -17.71
CA LYS J 115 -20.42 -37.37 -16.70
C LYS J 115 -19.07 -37.49 -17.40
N ARG J 116 -17.99 -36.97 -16.78
CA ARG J 116 -16.66 -37.08 -17.37
C ARG J 116 -16.19 -38.53 -17.28
N PRO J 117 -15.18 -38.97 -18.05
CA PRO J 117 -14.75 -40.35 -17.93
C PRO J 117 -14.10 -40.61 -16.59
N ARG J 118 -14.47 -41.73 -15.96
CA ARG J 118 -13.96 -42.23 -14.69
C ARG J 118 -12.54 -42.78 -14.92
N SER J 119 -11.57 -42.35 -14.09
CA SER J 119 -10.17 -42.76 -14.16
C SER J 119 -10.05 -44.14 -13.53
N ALA J 120 -8.87 -44.80 -13.77
CA ALA J 120 -8.59 -46.11 -13.17
C ALA J 120 -8.76 -45.95 -11.65
N TYR J 121 -8.15 -44.90 -11.11
CA TYR J 121 -8.22 -44.57 -9.70
C TYR J 121 -9.62 -44.36 -9.22
N ASN J 122 -10.51 -43.83 -10.08
CA ASN J 122 -11.93 -43.59 -9.73
C ASN J 122 -12.66 -44.87 -9.43
N VAL J 123 -12.41 -45.90 -10.27
CA VAL J 123 -12.99 -47.25 -10.21
C VAL J 123 -12.45 -47.99 -9.00
N TYR J 124 -11.11 -47.94 -8.81
CA TYR J 124 -10.50 -48.51 -7.62
C TYR J 124 -11.17 -47.96 -6.35
N VAL J 125 -11.56 -46.68 -6.35
CA VAL J 125 -12.23 -46.03 -5.23
C VAL J 125 -13.71 -46.47 -5.07
N ALA J 126 -14.43 -46.69 -6.18
CA ALA J 126 -15.84 -47.12 -6.11
C ALA J 126 -15.96 -48.55 -5.58
N GLU J 127 -14.89 -49.34 -5.76
CA GLU J 127 -14.79 -50.71 -5.31
C GLU J 127 -14.35 -50.77 -3.85
N ARG J 128 -13.05 -50.53 -3.63
CA ARG J 128 -12.34 -50.58 -2.37
C ARG J 128 -12.93 -49.78 -1.20
N PHE J 129 -13.59 -48.62 -1.45
CA PHE J 129 -14.12 -47.75 -0.38
C PHE J 129 -14.79 -48.39 0.80
N GLN J 130 -15.88 -49.15 0.56
CA GLN J 130 -16.65 -49.83 1.60
C GLN J 130 -15.81 -50.65 2.59
N GLU J 131 -14.81 -51.37 2.07
CA GLU J 131 -13.94 -52.25 2.85
C GLU J 131 -12.79 -51.54 3.56
N ALA J 132 -12.40 -50.34 3.11
CA ALA J 132 -11.27 -49.62 3.69
C ALA J 132 -11.35 -49.37 5.17
N LYS J 133 -10.21 -49.50 5.87
CA LYS J 133 -10.10 -49.24 7.29
C LYS J 133 -10.13 -47.75 7.56
N GLY J 134 -10.97 -47.32 8.48
CA GLY J 134 -11.11 -45.91 8.82
C GLY J 134 -12.35 -45.61 9.61
N ASP J 135 -12.24 -44.62 10.50
CA ASP J 135 -13.31 -44.16 11.38
C ASP J 135 -14.28 -43.24 10.63
N SER J 136 -13.73 -42.32 9.84
CA SER J 136 -14.39 -41.30 9.02
C SER J 136 -14.17 -41.58 7.54
N PRO J 137 -15.07 -41.15 6.62
CA PRO J 137 -14.82 -41.37 5.18
C PRO J 137 -13.49 -40.74 4.72
N GLN J 138 -13.05 -39.70 5.44
CA GLN J 138 -11.78 -39.03 5.20
C GLN J 138 -10.61 -39.98 5.43
N GLU J 139 -10.66 -40.73 6.54
CA GLU J 139 -9.62 -41.70 6.91
C GLU J 139 -9.67 -42.90 5.98
N LYS J 140 -10.89 -43.29 5.57
CA LYS J 140 -11.12 -44.41 4.66
C LYS J 140 -10.47 -44.13 3.32
N LEU J 141 -10.56 -42.87 2.83
CA LEU J 141 -9.95 -42.47 1.55
C LEU J 141 -8.43 -42.62 1.61
N LYS J 142 -7.76 -42.08 2.65
CA LYS J 142 -6.29 -42.21 2.76
C LYS J 142 -5.79 -43.63 2.91
N THR J 143 -6.71 -44.54 3.26
CA THR J 143 -6.43 -45.98 3.27
C THR J 143 -6.38 -46.43 1.80
N VAL J 144 -7.42 -46.10 1.00
CA VAL J 144 -7.53 -46.45 -0.43
C VAL J 144 -6.41 -45.81 -1.25
N LYS J 145 -6.08 -44.55 -0.92
CA LYS J 145 -5.00 -43.78 -1.54
C LYS J 145 -3.69 -44.52 -1.33
N GLU J 146 -3.45 -45.01 -0.08
CA GLU J 146 -2.24 -45.77 0.26
C GLU J 146 -2.18 -47.08 -0.47
N ASN J 147 -3.34 -47.74 -0.54
CA ASN J 147 -3.56 -48.99 -1.25
C ASN J 147 -3.31 -48.83 -2.75
N TRP J 148 -3.82 -47.72 -3.37
CA TRP J 148 -3.64 -47.45 -4.78
C TRP J 148 -2.17 -47.32 -5.13
N LYS J 149 -1.39 -46.67 -4.24
CA LYS J 149 0.03 -46.40 -4.44
C LYS J 149 0.87 -47.68 -4.54
N ASN J 150 0.49 -48.70 -3.76
CA ASN J 150 1.15 -50.00 -3.67
C ASN J 150 0.60 -51.09 -4.63
N LEU J 151 -0.31 -50.72 -5.56
CA LEU J 151 -0.87 -51.71 -6.49
C LEU J 151 0.12 -52.17 -7.54
N SER J 152 -0.02 -53.46 -7.89
CA SER J 152 0.75 -54.23 -8.86
C SER J 152 0.17 -53.96 -10.24
N ASP J 153 1.04 -53.77 -11.26
CA ASP J 153 0.67 -53.46 -12.65
C ASP J 153 -0.55 -54.14 -13.21
N SER J 154 -0.79 -55.44 -12.88
CA SER J 154 -1.96 -56.20 -13.38
C SER J 154 -3.20 -55.85 -12.57
N GLU J 155 -3.04 -55.75 -11.22
CA GLU J 155 -4.05 -55.35 -10.25
C GLU J 155 -4.53 -53.95 -10.67
N LYS J 156 -3.58 -53.10 -11.17
CA LYS J 156 -3.79 -51.75 -11.71
C LYS J 156 -4.41 -51.83 -13.11
N GLU J 157 -3.91 -52.75 -14.00
CA GLU J 157 -4.37 -52.96 -15.37
C GLU J 157 -5.85 -53.26 -15.47
N LEU J 158 -6.41 -53.93 -14.46
CA LEU J 158 -7.82 -54.28 -14.44
C LEU J 158 -8.66 -53.02 -14.46
N TYR J 159 -8.28 -52.08 -13.59
CA TYR J 159 -8.90 -50.77 -13.44
C TYR J 159 -8.64 -49.89 -14.66
N ILE J 160 -7.39 -49.93 -15.21
CA ILE J 160 -7.03 -49.21 -16.43
C ILE J 160 -7.92 -49.69 -17.60
N GLN J 161 -8.31 -50.96 -17.63
CA GLN J 161 -9.16 -51.40 -18.72
C GLN J 161 -10.56 -50.93 -18.50
N HIS J 162 -11.00 -50.94 -17.23
CA HIS J 162 -12.31 -50.45 -16.82
C HIS J 162 -12.48 -48.98 -17.16
N ALA J 163 -11.40 -48.21 -16.97
CA ALA J 163 -11.23 -46.81 -17.29
C ALA J 163 -11.31 -46.61 -18.83
N LYS J 164 -10.64 -47.49 -19.62
CA LYS J 164 -10.65 -47.47 -21.08
C LYS J 164 -12.06 -47.71 -21.61
N GLU J 165 -12.87 -48.46 -20.85
CA GLU J 165 -14.26 -48.79 -21.21
C GLU J 165 -15.15 -47.55 -21.09
N ASP J 166 -14.94 -46.79 -19.99
CA ASP J 166 -15.69 -45.56 -19.70
C ASP J 166 -15.31 -44.44 -20.64
N GLU J 167 -14.00 -44.35 -20.98
CA GLU J 167 -13.46 -43.38 -21.92
C GLU J 167 -14.22 -43.50 -23.25
N THR J 168 -14.65 -44.73 -23.57
CA THR J 168 -15.39 -45.00 -24.78
C THR J 168 -16.76 -44.45 -24.64
N ARG J 169 -17.45 -44.81 -23.53
CA ARG J 169 -18.82 -44.35 -23.32
C ARG J 169 -18.95 -42.86 -23.25
N TYR J 170 -17.91 -42.18 -22.69
CA TYR J 170 -17.85 -40.75 -22.60
C TYR J 170 -17.85 -40.19 -24.02
N HIS J 171 -16.84 -40.57 -24.81
CA HIS J 171 -16.67 -40.11 -26.19
C HIS J 171 -17.97 -40.26 -27.02
N ASN J 172 -18.68 -41.36 -26.76
CA ASN J 172 -19.91 -41.68 -27.44
C ASN J 172 -21.04 -40.83 -26.97
N GLU J 173 -21.34 -40.89 -25.66
CA GLU J 173 -22.40 -40.08 -25.04
C GLU J 173 -22.25 -38.61 -25.47
N MET J 174 -20.99 -38.07 -25.43
CA MET J 174 -20.67 -36.69 -25.83
C MET J 174 -20.97 -36.45 -27.29
N LYS J 175 -20.61 -37.38 -28.16
CA LYS J 175 -20.84 -37.19 -29.59
C LYS J 175 -22.32 -36.93 -29.90
N SER J 176 -23.17 -37.66 -29.12
CA SER J 176 -24.63 -37.68 -29.19
C SER J 176 -25.19 -36.44 -28.57
N TRP J 177 -24.75 -36.16 -27.30
CA TRP J 177 -25.14 -34.98 -26.54
C TRP J 177 -24.81 -33.75 -27.32
N GLU J 178 -23.59 -33.68 -27.86
CA GLU J 178 -23.17 -32.56 -28.67
C GLU J 178 -24.04 -32.32 -29.89
N GLU J 179 -24.46 -33.43 -30.55
CA GLU J 179 -25.36 -33.38 -31.71
C GLU J 179 -26.71 -32.81 -31.26
N GLN J 180 -27.27 -33.35 -30.13
CA GLN J 180 -28.51 -32.90 -29.54
C GLN J 180 -28.50 -31.39 -29.31
N MET J 181 -27.42 -30.82 -28.69
CA MET J 181 -27.34 -29.39 -28.38
C MET J 181 -27.33 -28.54 -29.65
N ILE J 182 -26.66 -29.02 -30.71
CA ILE J 182 -26.66 -28.26 -31.95
C ILE J 182 -28.08 -28.15 -32.40
N GLU J 183 -28.83 -29.28 -32.25
CA GLU J 183 -30.23 -29.42 -32.67
C GLU J 183 -31.19 -28.58 -31.87
N VAL J 184 -30.92 -28.39 -30.57
CA VAL J 184 -31.73 -27.52 -29.72
C VAL J 184 -31.17 -26.06 -29.72
N GLY J 185 -30.21 -25.79 -30.61
CA GLY J 185 -29.55 -24.50 -30.78
C GLY J 185 -28.73 -24.01 -29.60
N ARG J 186 -27.85 -24.88 -29.10
CA ARG J 186 -26.95 -24.59 -28.00
C ARG J 186 -25.53 -24.95 -28.40
N LYS J 187 -25.11 -24.49 -29.60
CA LYS J 187 -23.76 -24.74 -30.11
C LYS J 187 -22.67 -24.27 -29.13
N ASP J 188 -23.00 -23.20 -28.35
CA ASP J 188 -22.17 -22.59 -27.34
C ASP J 188 -21.61 -23.61 -26.33
N LEU J 189 -22.41 -24.63 -25.97
CA LEU J 189 -22.08 -25.66 -24.99
C LEU J 189 -21.12 -26.77 -25.48
N LEU J 190 -20.66 -26.65 -26.73
CA LEU J 190 -19.77 -27.64 -27.31
C LEU J 190 -18.31 -27.38 -26.95
N ARG J 191 -17.50 -28.45 -26.96
CA ARG J 191 -16.05 -28.40 -26.76
C ARG J 191 -15.45 -27.68 -27.93
N ARG J 192 -14.41 -26.87 -27.72
CA ARG J 192 -13.81 -26.28 -28.92
C ARG J 192 -12.79 -27.28 -29.48
N THR J 193 -12.17 -28.05 -28.56
CA THR J 193 -11.12 -29.05 -28.83
C THR J 193 -11.33 -30.40 -28.14
N ILE J 194 -11.38 -31.45 -28.97
CA ILE J 194 -11.56 -32.83 -28.54
C ILE J 194 -10.21 -33.55 -28.71
N LYS J 195 -9.80 -34.32 -27.65
CA LYS J 195 -8.56 -35.12 -27.56
C LYS J 195 -7.26 -34.30 -27.79
C1 GOL M . 25.09 -0.25 25.96
O1 GOL M . 26.08 -0.19 24.96
C2 GOL M . 23.76 -0.16 25.26
O2 GOL M . 22.77 -0.80 26.07
C3 GOL M . 23.44 1.30 25.02
O3 GOL M . 24.03 1.77 23.82
C1 GOL N . 24.25 -6.46 25.50
O1 GOL N . 23.61 -6.07 26.70
C2 GOL N . 23.71 -7.77 24.98
O2 GOL N . 24.32 -8.06 23.70
C3 GOL N . 24.00 -8.91 25.92
O3 GOL N . 23.72 -10.18 25.32
OH2 1PE O . 13.81 14.35 13.01
C12 1PE O . 14.64 15.42 12.56
C22 1PE O . 14.39 16.65 13.43
OH3 1PE O . 15.65 17.19 13.89
C13 1PE O . 16.70 18.94 15.13
C23 1PE O . 15.36 18.34 14.71
OH4 1PE O . 16.72 20.15 15.94
C14 1PE O . 14.15 19.98 16.44
C24 1PE O . 15.50 20.72 16.51
OH5 1PE O . 13.28 20.71 15.53
C15 1PE O . 11.77 18.94 16.50
C25 1PE O . 11.97 20.10 15.47
OH6 1PE O . 11.23 17.66 16.04
C16 1PE O . 11.52 18.39 13.59
C26 1PE O . 11.02 17.37 14.62
OH7 1PE O . 11.67 17.76 12.31
OH2 1PE P . 10.90 31.95 20.48
C12 1PE P . 12.20 32.08 21.09
C22 1PE P . 13.35 32.27 20.07
OH3 1PE P . 13.25 33.56 19.48
C13 1PE P . 14.15 35.13 17.84
C23 1PE P . 14.30 33.74 18.52
OH4 1PE P . 12.75 35.50 17.87
C14 1PE P . 11.05 37.12 17.35
C24 1PE P . 12.56 36.79 17.25
OH5 1PE P . 10.30 36.29 16.44
C15 1PE P . 8.51 37.56 17.65
C25 1PE P . 8.87 36.55 16.55
OH6 1PE P . 7.93 37.02 18.89
C16 1PE P . 7.97 34.69 17.79
C26 1PE P . 7.67 35.58 19.00
OH7 1PE P . 8.27 33.35 18.22
OH2 1PE Q . 33.54 28.07 19.04
C12 1PE Q . 33.34 26.65 19.01
C22 1PE Q . 34.63 25.93 19.37
OH3 1PE Q . 35.58 26.87 19.91
C13 1PE Q . 36.81 24.65 19.98
C23 1PE Q . 36.82 26.19 20.23
OH4 1PE Q . 37.66 24.22 18.88
C14 1PE Q . 39.15 24.97 17.05
C24 1PE Q . 38.16 25.36 18.15
OH5 1PE Q . 38.78 24.33 15.78
C15 1PE Q . 36.20 24.62 15.99
C25 1PE Q . 37.43 24.09 15.28
OH6 1PE Q . 35.24 25.10 15.02
C16 1PE Q . 33.03 26.21 15.12
C26 1PE Q . 34.18 25.57 15.88
OH7 1PE Q . 32.48 27.25 15.95
OH2 1PE R . 1.55 -17.94 -11.95
C12 1PE R . 0.85 -16.93 -12.71
C22 1PE R . -0.12 -16.14 -11.81
OH3 1PE R . 0.24 -16.50 -10.50
C13 1PE R . -0.01 -16.41 -8.21
C23 1PE R . -0.58 -15.88 -9.51
OH4 1PE R . -0.42 -15.66 -7.08
C14 1PE R . 1.18 -17.39 -6.24
C24 1PE R . 0.23 -16.23 -5.90
OH5 1PE R . 0.78 -18.57 -5.53
C15 1PE R . 2.81 -19.34 -6.79
C25 1PE R . 1.66 -19.68 -5.83
OH6 1PE R . 4.07 -19.51 -6.11
C16 1PE R . 6.48 -19.34 -6.34
C26 1PE R . 5.13 -19.19 -7.04
OH7 1PE R . 6.86 -18.11 -5.70
#